data_7VSU
#
_entry.id   7VSU
#
_cell.length_a   131.755
_cell.length_b   131.755
_cell.length_c   90.713
_cell.angle_alpha   90.000
_cell.angle_beta   90.000
_cell.angle_gamma   120.000
#
_symmetry.space_group_name_H-M   'P 31'
#
loop_
_entity.id
_entity.type
_entity.pdbx_description
1 polymer 'Light chain'
2 polymer 'heavy chain'
#
loop_
_entity_poly.entity_id
_entity_poly.type
_entity_poly.pdbx_seq_one_letter_code
_entity_poly.pdbx_strand_id
1 'polypeptide(L)'
;DIQMTQSPSSLSASVGDRVTITCRASQSISSYLNWYQQKPGKAPKLLIYAASSLQSGVPSRFSGSGSGTDFTLTISSLQP
EDFATYYCQQSYSTPLTFGGGTKVEIKRTVAAPSVFIFPPSDEQLKSGTASVVCLLNNFYPREAKVQWKVDNALQSGNSQ
ESVTEQDSKDSTYSLSSTLTLSKADYEKHKLYACEVTHQGLSSPVTKSFNRGEC
;
C,A
2 'polypeptide(L)'
;QVQLQESGPGLVKPSETLSLTCTVSGGSVSSGSYYWSWIRQPPGKGLEWIGYIYYSGSTNYNPSLKSRVTISVDTSKNQF
SLKLSSVTAADTAVYYCAREGKNGAFDIWGQGTMVTVSSASTKGPSVFPLAPSSKSTSGGTAALGCLVKDYFPEPVTVSW
NSGALTSGVHTFPAVLQSSGLYSLSSVVTVPSSSLGTQTYICNVNHKPSNTKVDKKVEPKSCDKTSHHHHHH
;
D,B
#
# COMPACT_ATOMS: atom_id res chain seq x y z
N ASP A 1 15.46 22.00 23.25
CA ASP A 1 14.79 20.94 23.97
C ASP A 1 14.82 21.19 25.47
N ILE A 2 13.66 21.04 26.12
CA ILE A 2 13.53 21.23 27.56
C ILE A 2 13.67 19.87 28.23
N GLN A 3 14.67 19.73 29.09
CA GLN A 3 14.93 18.47 29.78
C GLN A 3 14.11 18.39 31.06
N MET A 4 13.53 17.22 31.29
CA MET A 4 12.69 16.97 32.47
C MET A 4 13.30 15.83 33.28
N THR A 5 13.67 16.12 34.52
CA THR A 5 14.23 15.12 35.43
C THR A 5 13.18 14.74 36.45
N GLN A 6 13.00 13.43 36.65
CA GLN A 6 12.01 12.89 37.58
C GLN A 6 12.73 12.07 38.64
N SER A 7 12.31 12.24 39.89
CA SER A 7 12.89 11.51 41.02
C SER A 7 11.79 11.23 42.04
N PRO A 8 11.77 10.03 42.65
CA PRO A 8 12.70 8.94 42.38
C PRO A 8 12.24 8.07 41.22
N SER A 9 13.10 7.16 40.76
CA SER A 9 12.70 6.26 39.69
C SER A 9 11.75 5.18 40.19
N SER A 10 11.95 4.72 41.43
CA SER A 10 11.13 3.65 42.00
C SER A 10 10.89 3.92 43.48
N LEU A 11 9.70 3.54 43.95
CA LEU A 11 9.35 3.69 45.35
C LEU A 11 8.26 2.69 45.70
N SER A 12 8.33 2.17 46.93
CA SER A 12 7.33 1.27 47.48
C SER A 12 6.64 1.98 48.64
N ALA A 13 5.32 1.95 48.65
CA ALA A 13 4.54 2.60 49.71
C ALA A 13 3.35 1.75 50.08
N SER A 14 2.84 1.95 51.29
CA SER A 14 1.71 1.18 51.78
C SER A 14 0.40 1.91 51.47
N VAL A 15 -0.70 1.18 51.63
CA VAL A 15 -2.02 1.77 51.38
C VAL A 15 -2.31 2.81 52.46
N GLY A 16 -2.78 3.99 52.03
CA GLY A 16 -3.03 5.09 52.93
C GLY A 16 -1.84 6.00 53.17
N ASP A 17 -0.65 5.61 52.73
CA ASP A 17 0.53 6.43 52.90
C ASP A 17 0.45 7.67 52.00
N ARG A 18 1.26 8.66 52.34
CA ARG A 18 1.39 9.87 51.55
C ARG A 18 2.60 9.73 50.63
N VAL A 19 2.37 9.88 49.32
CA VAL A 19 3.39 9.67 48.31
C VAL A 19 3.77 11.02 47.72
N THR A 20 5.07 11.23 47.49
CA THR A 20 5.57 12.47 46.96
C THR A 20 6.58 12.18 45.85
N ILE A 21 6.29 12.71 44.65
CA ILE A 21 7.14 12.53 43.48
C ILE A 21 7.67 13.89 43.07
N THR A 22 8.93 13.94 42.63
CA THR A 22 9.59 15.16 42.23
C THR A 22 9.84 15.16 40.73
N CYS A 23 9.49 16.27 40.07
CA CYS A 23 9.83 16.50 38.66
C CYS A 23 10.53 17.86 38.55
N ARG A 24 11.68 17.87 37.91
CA ARG A 24 12.50 19.06 37.78
C ARG A 24 12.75 19.37 36.32
N ALA A 25 12.52 20.63 35.93
CA ALA A 25 12.74 21.10 34.57
C ALA A 25 14.04 21.90 34.51
N SER A 26 14.64 21.92 33.33
CA SER A 26 15.90 22.63 33.14
C SER A 26 15.73 24.14 33.13
N GLN A 27 14.55 24.64 32.81
CA GLN A 27 14.29 26.08 32.81
C GLN A 27 12.85 26.33 33.27
N SER A 28 12.57 27.60 33.56
CA SER A 28 11.24 27.99 34.02
C SER A 28 10.20 27.78 32.93
N ILE A 29 9.15 27.04 33.27
CA ILE A 29 8.01 26.84 32.40
C ILE A 29 6.71 27.31 33.05
N SER A 30 6.80 28.09 34.13
CA SER A 30 5.65 28.67 34.84
C SER A 30 4.74 27.54 35.27
N SER A 31 3.46 27.56 34.93
CA SER A 31 2.50 26.55 35.35
C SER A 31 2.03 25.69 34.17
N TYR A 32 2.90 25.50 33.17
CA TYR A 32 2.60 24.66 32.02
C TYR A 32 3.32 23.33 32.19
N LEU A 33 2.74 22.45 33.01
CA LEU A 33 3.32 21.13 33.26
C LEU A 33 2.23 20.14 33.65
N ASN A 34 2.03 19.11 32.84
CA ASN A 34 0.96 18.15 33.08
C ASN A 34 1.52 16.86 33.69
N TRP A 35 0.63 16.16 34.41
CA TRP A 35 0.95 14.89 35.06
C TRP A 35 0.05 13.80 34.49
N TYR A 36 0.66 12.68 34.10
CA TYR A 36 -0.05 11.55 33.53
C TYR A 36 0.18 10.28 34.33
N GLN A 37 -0.83 9.42 34.36
CA GLN A 37 -0.77 8.11 34.98
C GLN A 37 -0.88 7.05 33.89
N GLN A 38 0.14 6.20 33.77
CA GLN A 38 0.14 5.13 32.79
C GLN A 38 0.24 3.80 33.52
N LYS A 39 -0.83 3.01 33.46
CA LYS A 39 -0.76 1.65 33.98
C LYS A 39 -0.23 0.72 32.90
N PRO A 40 0.36 -0.41 33.29
CA PRO A 40 1.00 -1.30 32.31
C PRO A 40 0.01 -1.82 31.27
N GLY A 41 0.43 -1.78 30.01
CA GLY A 41 -0.39 -2.21 28.90
C GLY A 41 -1.50 -1.27 28.51
N LYS A 42 -1.63 -0.13 29.17
CA LYS A 42 -2.65 0.86 28.88
C LYS A 42 -2.00 2.15 28.42
N ALA A 43 -2.79 2.99 27.76
CA ALA A 43 -2.32 4.32 27.38
C ALA A 43 -2.23 5.20 28.63
N PRO A 44 -1.37 6.22 28.60
CA PRO A 44 -1.33 7.16 29.72
C PRO A 44 -2.66 7.87 29.89
N LYS A 45 -2.91 8.31 31.12
CA LYS A 45 -4.16 8.97 31.50
C LYS A 45 -3.82 10.32 32.13
N LEU A 46 -4.49 11.37 31.67
CA LEU A 46 -4.24 12.71 32.18
C LEU A 46 -4.76 12.83 33.61
N LEU A 47 -3.88 13.21 34.54
CA LEU A 47 -4.25 13.44 35.92
C LEU A 47 -4.40 14.93 36.22
N ILE A 48 -3.35 15.71 35.98
CA ILE A 48 -3.29 17.11 36.36
C ILE A 48 -2.84 17.92 35.17
N TYR A 49 -3.62 18.95 34.82
CA TYR A 49 -3.23 19.94 33.83
C TYR A 49 -2.95 21.25 34.55
N ALA A 50 -2.52 22.26 33.78
CA ALA A 50 -1.92 23.48 34.32
C ALA A 50 -0.73 23.03 35.14
N ALA A 51 -0.68 23.25 36.45
CA ALA A 51 0.27 22.57 37.31
C ALA A 51 -0.37 21.98 38.55
N SER A 52 -1.63 22.36 38.86
CA SER A 52 -2.30 21.91 40.06
C SER A 52 -3.77 21.57 39.82
N SER A 53 -4.29 21.79 38.61
CA SER A 53 -5.71 21.60 38.35
C SER A 53 -6.01 20.13 38.09
N LEU A 54 -7.10 19.64 38.68
CA LEU A 54 -7.48 18.24 38.57
C LEU A 54 -8.39 18.05 37.36
N GLN A 55 -7.97 17.17 36.45
CA GLN A 55 -8.82 16.82 35.31
C GLN A 55 -10.10 16.16 35.79
N SER A 56 -11.18 16.38 35.04
CA SER A 56 -12.47 15.81 35.39
C SER A 56 -12.39 14.29 35.47
N GLY A 57 -12.97 13.73 36.54
CA GLY A 57 -12.96 12.30 36.77
C GLY A 57 -11.83 11.82 37.65
N VAL A 58 -10.78 12.60 37.82
CA VAL A 58 -9.64 12.19 38.65
C VAL A 58 -10.00 12.37 40.11
N PRO A 59 -9.78 11.37 40.96
CA PRO A 59 -10.11 11.51 42.38
C PRO A 59 -9.36 12.67 43.03
N SER A 60 -9.94 13.18 44.12
CA SER A 60 -9.37 14.32 44.82
C SER A 60 -8.10 13.98 45.59
N ARG A 61 -7.77 12.69 45.73
CA ARG A 61 -6.56 12.31 46.46
C ARG A 61 -5.29 12.64 45.69
N PHE A 62 -5.40 12.98 44.40
CA PHE A 62 -4.26 13.44 43.63
C PHE A 62 -4.14 14.95 43.76
N SER A 63 -2.91 15.44 43.90
CA SER A 63 -2.67 16.86 44.01
C SER A 63 -1.27 17.17 43.51
N GLY A 64 -1.13 18.32 42.86
CA GLY A 64 0.16 18.73 42.32
C GLY A 64 0.46 20.16 42.71
N SER A 65 1.72 20.40 43.06
CA SER A 65 2.18 21.73 43.41
C SER A 65 3.44 22.04 42.60
N GLY A 66 3.75 23.33 42.52
CA GLY A 66 4.96 23.76 41.83
C GLY A 66 4.72 24.84 40.80
N SER A 67 5.76 25.60 40.50
CA SER A 67 5.69 26.65 39.50
C SER A 67 7.11 27.09 39.14
N GLY A 68 7.39 27.23 37.84
CA GLY A 68 8.72 27.59 37.40
C GLY A 68 9.56 26.41 36.96
N THR A 69 10.38 25.87 37.87
CA THR A 69 11.28 24.77 37.53
C THR A 69 11.07 23.52 38.35
N ASP A 70 10.62 23.63 39.60
CA ASP A 70 10.52 22.48 40.49
C ASP A 70 9.05 22.17 40.76
N PHE A 71 8.66 20.92 40.54
CA PHE A 71 7.26 20.51 40.67
C PHE A 71 7.17 19.24 41.50
N THR A 72 5.97 19.00 42.03
CA THR A 72 5.72 17.88 42.92
C THR A 72 4.32 17.33 42.69
N LEU A 73 4.22 16.01 42.52
CA LEU A 73 2.94 15.31 42.51
C LEU A 73 2.79 14.54 43.82
N THR A 74 1.60 14.56 44.39
CA THR A 74 1.36 13.99 45.71
C THR A 74 0.01 13.29 45.75
N ILE A 75 0.02 12.04 46.21
CA ILE A 75 -1.20 11.28 46.47
C ILE A 75 -1.38 11.24 47.98
N SER A 76 -2.54 11.74 48.45
CA SER A 76 -2.75 11.91 49.88
C SER A 76 -2.80 10.58 50.61
N SER A 77 -3.59 9.63 50.09
CA SER A 77 -3.70 8.30 50.69
C SER A 77 -3.70 7.28 49.56
N LEU A 78 -2.60 6.55 49.44
CA LEU A 78 -2.41 5.63 48.32
C LEU A 78 -3.43 4.50 48.36
N GLN A 79 -4.06 4.25 47.23
CA GLN A 79 -5.01 3.15 47.06
C GLN A 79 -4.37 2.02 46.28
N PRO A 80 -4.86 0.79 46.45
CA PRO A 80 -4.30 -0.33 45.68
C PRO A 80 -4.40 -0.13 44.18
N GLU A 81 -5.46 0.53 43.71
CA GLU A 81 -5.64 0.81 42.30
C GLU A 81 -4.77 1.96 41.79
N ASP A 82 -3.96 2.58 42.64
CA ASP A 82 -3.09 3.68 42.23
C ASP A 82 -1.73 3.20 41.75
N PHE A 83 -1.50 1.90 41.70
CA PHE A 83 -0.25 1.35 41.19
C PHE A 83 -0.11 1.65 39.70
N ALA A 84 0.92 2.40 39.34
CA ALA A 84 1.19 2.76 37.95
C ALA A 84 2.54 3.46 37.89
N THR A 85 2.88 3.96 36.70
CA THR A 85 4.07 4.76 36.49
C THR A 85 3.63 6.16 36.06
N TYR A 86 4.16 7.18 36.73
CA TYR A 86 3.71 8.56 36.53
C TYR A 86 4.78 9.36 35.80
N TYR A 87 4.35 10.07 34.75
CA TYR A 87 5.23 10.89 33.93
C TYR A 87 4.81 12.34 34.02
N CYS A 88 5.81 13.24 34.08
CA CYS A 88 5.58 14.67 33.98
C CYS A 88 5.97 15.17 32.60
N GLN A 89 5.20 16.13 32.09
CA GLN A 89 5.39 16.63 30.74
C GLN A 89 5.26 18.14 30.72
N GLN A 90 6.25 18.82 30.15
CA GLN A 90 6.18 20.27 30.01
C GLN A 90 5.34 20.65 28.79
N SER A 91 4.56 21.71 28.93
CA SER A 91 3.62 22.14 27.90
C SER A 91 3.87 23.60 27.53
N TYR A 92 5.13 24.02 27.48
CA TYR A 92 5.48 25.41 27.27
C TYR A 92 5.93 25.69 25.84
N SER A 93 7.00 25.04 25.39
CA SER A 93 7.55 25.29 24.07
C SER A 93 7.97 23.97 23.44
N THR A 94 7.87 23.91 22.11
CA THR A 94 8.29 22.73 21.38
C THR A 94 9.82 22.60 21.42
N PRO A 95 10.35 21.38 21.47
CA PRO A 95 9.60 20.12 21.45
C PRO A 95 9.05 19.71 22.82
N LEU A 96 7.85 19.12 22.80
CA LEU A 96 7.27 18.58 24.03
C LEU A 96 8.12 17.42 24.54
N THR A 97 8.38 17.41 25.85
CA THR A 97 9.23 16.39 26.45
C THR A 97 8.56 15.82 27.70
N PHE A 98 8.83 14.55 27.95
CA PHE A 98 8.31 13.84 29.12
C PHE A 98 9.44 13.52 30.08
N GLY A 99 9.07 13.26 31.33
CA GLY A 99 10.02 12.87 32.34
C GLY A 99 10.48 11.43 32.20
N GLY A 100 11.44 11.06 33.04
CA GLY A 100 11.97 9.71 33.00
C GLY A 100 11.03 8.64 33.50
N GLY A 101 9.98 9.03 34.22
CA GLY A 101 9.02 8.09 34.75
C GLY A 101 9.32 7.65 36.17
N THR A 102 8.27 7.43 36.97
CA THR A 102 8.40 6.99 38.36
C THR A 102 7.45 5.84 38.59
N LYS A 103 7.98 4.66 38.90
CA LYS A 103 7.17 3.47 39.14
C LYS A 103 6.76 3.45 40.60
N VAL A 104 5.45 3.45 40.84
CA VAL A 104 4.89 3.42 42.19
C VAL A 104 4.38 2.01 42.46
N GLU A 105 5.08 1.30 43.33
CA GLU A 105 4.68 -0.04 43.77
C GLU A 105 4.03 0.03 45.14
N ILE A 106 3.22 -0.98 45.44
CA ILE A 106 2.42 -1.02 46.66
C ILE A 106 3.09 -2.00 47.63
N LYS A 107 3.26 -1.57 48.87
CA LYS A 107 3.74 -2.44 49.94
C LYS A 107 2.56 -3.10 50.64
N ARG A 108 2.68 -4.39 50.89
CA ARG A 108 1.69 -5.13 51.65
C ARG A 108 2.37 -6.26 52.41
N THR A 109 1.62 -6.88 53.32
CA THR A 109 2.15 -7.98 54.11
C THR A 109 2.47 -9.17 53.21
N VAL A 110 3.26 -10.09 53.75
CA VAL A 110 3.66 -11.28 53.00
C VAL A 110 2.42 -12.09 52.61
N ALA A 111 2.44 -12.61 51.38
CA ALA A 111 1.40 -13.49 50.89
C ALA A 111 2.07 -14.69 50.24
N ALA A 112 1.75 -15.88 50.71
CA ALA A 112 2.39 -17.05 50.15
C ALA A 112 1.73 -17.44 48.82
N PRO A 113 2.51 -17.97 47.89
CA PRO A 113 1.95 -18.40 46.60
C PRO A 113 1.41 -19.82 46.65
N SER A 114 0.33 -20.04 45.90
CA SER A 114 -0.18 -21.37 45.64
C SER A 114 0.40 -21.86 44.31
N VAL A 115 1.02 -23.03 44.33
CA VAL A 115 1.84 -23.51 43.22
C VAL A 115 1.05 -24.54 42.41
N PHE A 116 1.02 -24.35 41.10
CA PHE A 116 0.37 -25.27 40.16
C PHE A 116 1.34 -25.61 39.05
N ILE A 117 1.30 -26.86 38.57
CA ILE A 117 2.19 -27.32 37.51
C ILE A 117 1.35 -27.95 36.39
N PHE A 118 1.75 -27.71 35.15
CA PHE A 118 1.03 -28.19 33.98
C PHE A 118 1.94 -29.02 33.10
N PRO A 119 1.61 -30.28 32.83
CA PRO A 119 2.39 -31.08 31.89
C PRO A 119 2.12 -30.62 30.46
N PRO A 120 3.03 -30.91 29.53
CA PRO A 120 2.81 -30.49 28.15
C PRO A 120 1.57 -31.15 27.55
N SER A 121 0.87 -30.41 26.70
CA SER A 121 -0.35 -30.91 26.09
C SER A 121 -0.04 -31.98 25.04
N ASP A 122 -1.03 -32.82 24.78
CA ASP A 122 -0.89 -33.81 23.71
C ASP A 122 -0.73 -33.14 22.35
N GLU A 123 -1.44 -32.03 22.13
CA GLU A 123 -1.35 -31.34 20.85
C GLU A 123 0.05 -30.81 20.61
N GLN A 124 0.72 -30.34 21.66
CA GLN A 124 2.08 -29.83 21.49
C GLN A 124 3.08 -30.96 21.26
N LEU A 125 2.82 -32.13 21.82
CA LEU A 125 3.73 -33.25 21.63
C LEU A 125 3.75 -33.74 20.19
N LYS A 126 2.63 -33.61 19.47
CA LYS A 126 2.61 -33.96 18.06
C LYS A 126 3.50 -33.04 17.23
N SER A 127 3.76 -31.82 17.72
CA SER A 127 4.61 -30.87 17.02
C SER A 127 6.10 -31.05 17.33
N GLY A 128 6.45 -31.94 18.25
CA GLY A 128 7.84 -32.20 18.56
C GLY A 128 8.43 -31.36 19.66
N THR A 129 7.61 -30.59 20.38
CA THR A 129 8.07 -29.76 21.47
C THR A 129 7.30 -30.10 22.74
N ALA A 130 7.92 -29.84 23.88
CA ALA A 130 7.31 -30.10 25.18
C ALA A 130 7.60 -28.93 26.10
N SER A 131 6.54 -28.29 26.61
CA SER A 131 6.65 -27.18 27.54
C SER A 131 5.94 -27.54 28.83
N VAL A 132 6.65 -27.43 29.95
CA VAL A 132 6.10 -27.63 31.28
C VAL A 132 5.96 -26.26 31.93
N VAL A 133 4.75 -25.92 32.36
CA VAL A 133 4.44 -24.61 32.92
C VAL A 133 4.24 -24.74 34.41
N CYS A 134 4.91 -23.89 35.19
CA CYS A 134 4.74 -23.82 36.63
C CYS A 134 4.16 -22.46 36.98
N LEU A 135 3.08 -22.45 37.76
CA LEU A 135 2.28 -21.25 38.02
C LEU A 135 2.25 -20.93 39.51
N LEU A 136 2.57 -19.68 39.83
CA LEU A 136 2.49 -19.16 41.20
C LEU A 136 1.44 -18.06 41.23
N ASN A 137 0.38 -18.27 42.01
CA ASN A 137 -0.79 -17.39 41.99
C ASN A 137 -0.89 -16.59 43.28
N ASN A 138 -1.06 -15.27 43.13
CA ASN A 138 -1.42 -14.35 44.21
C ASN A 138 -0.47 -14.42 45.40
N PHE A 139 0.67 -13.75 45.30
CA PHE A 139 1.68 -13.74 46.34
C PHE A 139 2.33 -12.37 46.42
N TYR A 140 3.11 -12.16 47.49
CA TYR A 140 3.87 -10.94 47.69
C TYR A 140 5.01 -11.25 48.64
N PRO A 141 6.22 -10.71 48.42
CA PRO A 141 6.62 -9.79 47.36
C PRO A 141 6.89 -10.41 46.00
N ARG A 142 7.27 -9.57 45.04
CA ARG A 142 7.53 -10.00 43.68
C ARG A 142 8.73 -10.94 43.62
N GLU A 143 9.69 -10.77 44.53
CA GLU A 143 10.92 -11.56 44.51
C GLU A 143 10.59 -13.03 44.80
N ALA A 144 10.91 -13.90 43.84
CA ALA A 144 10.69 -15.32 43.99
C ALA A 144 11.78 -16.09 43.23
N LYS A 145 11.96 -17.35 43.61
CA LYS A 145 12.98 -18.22 43.03
C LYS A 145 12.31 -19.50 42.55
N VAL A 146 12.37 -19.75 41.24
CA VAL A 146 11.81 -20.96 40.65
C VAL A 146 12.97 -21.80 40.10
N GLN A 147 13.12 -23.01 40.64
CA GLN A 147 14.16 -23.94 40.22
C GLN A 147 13.51 -25.23 39.74
N TRP A 148 13.83 -25.62 38.50
CA TRP A 148 13.33 -26.86 37.93
C TRP A 148 14.26 -28.02 38.29
N LYS A 149 13.67 -29.20 38.45
CA LYS A 149 14.42 -30.42 38.67
C LYS A 149 13.83 -31.53 37.81
N VAL A 150 14.66 -32.13 36.96
CA VAL A 150 14.25 -33.20 36.06
C VAL A 150 14.97 -34.46 36.50
N ASP A 151 14.21 -35.45 36.98
CA ASP A 151 14.78 -36.66 37.58
C ASP A 151 15.78 -36.30 38.68
N ASN A 152 15.40 -35.32 39.49
CA ASN A 152 16.21 -34.77 40.58
C ASN A 152 17.48 -34.09 40.08
N ALA A 153 17.61 -33.89 38.77
CA ALA A 153 18.75 -33.17 38.20
C ALA A 153 18.37 -31.70 38.04
N LEU A 154 19.15 -30.82 38.68
CA LEU A 154 18.86 -29.40 38.69
C LEU A 154 19.04 -28.81 37.29
N GLN A 155 17.92 -28.40 36.68
CA GLN A 155 17.96 -27.78 35.37
C GLN A 155 18.45 -26.34 35.46
N SER A 156 18.89 -25.81 34.32
CA SER A 156 19.40 -24.45 34.25
C SER A 156 19.55 -23.96 32.81
N GLY A 157 19.10 -22.75 32.53
CA GLY A 157 19.32 -22.11 31.25
C GLY A 157 18.32 -22.43 30.16
N ASN A 158 17.28 -23.22 30.45
CA ASN A 158 16.29 -23.60 29.43
C ASN A 158 14.87 -23.22 29.83
N SER A 159 14.71 -22.25 30.74
CA SER A 159 13.40 -21.85 31.21
C SER A 159 13.29 -20.32 31.24
N GLN A 160 12.06 -19.85 31.04
CA GLN A 160 11.75 -18.42 31.09
C GLN A 160 10.57 -18.19 32.03
N GLU A 161 10.50 -16.99 32.58
CA GLU A 161 9.41 -16.61 33.46
C GLU A 161 8.97 -15.18 33.19
N SER A 162 7.68 -14.92 33.42
CA SER A 162 7.15 -13.56 33.35
C SER A 162 6.20 -13.37 34.53
N VAL A 163 6.15 -12.13 35.02
CA VAL A 163 5.37 -11.78 36.19
C VAL A 163 4.27 -10.82 35.77
N THR A 164 3.08 -11.01 36.34
CA THR A 164 2.03 -10.03 36.15
C THR A 164 2.34 -8.79 36.97
N GLU A 165 1.54 -7.75 36.80
CA GLU A 165 1.65 -6.58 37.65
C GLU A 165 0.74 -6.74 38.86
N GLN A 166 0.86 -5.79 39.79
CA GLN A 166 0.13 -5.89 41.04
C GLN A 166 -1.37 -5.95 40.78
N ASP A 167 -2.04 -6.88 41.46
CA ASP A 167 -3.49 -6.96 41.34
C ASP A 167 -4.10 -5.67 41.89
N SER A 168 -5.00 -5.07 41.12
CA SER A 168 -5.59 -3.80 41.49
C SER A 168 -6.36 -3.85 42.80
N LYS A 169 -6.68 -5.05 43.29
CA LYS A 169 -7.49 -5.22 44.49
C LYS A 169 -6.70 -5.68 45.70
N ASP A 170 -5.94 -6.77 45.59
CA ASP A 170 -5.21 -7.32 46.72
C ASP A 170 -3.70 -7.09 46.64
N SER A 171 -3.21 -6.45 45.58
CA SER A 171 -1.81 -6.03 45.45
C SER A 171 -0.84 -7.21 45.45
N THR A 172 -1.29 -8.37 44.97
CA THR A 172 -0.42 -9.53 44.86
C THR A 172 0.08 -9.68 43.42
N TYR A 173 1.08 -10.54 43.26
CA TYR A 173 1.65 -10.87 41.96
C TYR A 173 1.31 -12.30 41.57
N SER A 174 1.46 -12.59 40.28
CA SER A 174 1.38 -13.94 39.76
C SER A 174 2.54 -14.15 38.80
N LEU A 175 3.10 -15.36 38.81
CA LEU A 175 4.29 -15.67 38.04
C LEU A 175 4.13 -17.02 37.35
N SER A 176 4.53 -17.08 36.09
CA SER A 176 4.55 -18.32 35.32
C SER A 176 5.97 -18.60 34.85
N SER A 177 6.48 -19.79 35.15
CA SER A 177 7.79 -20.22 34.69
C SER A 177 7.60 -21.36 33.70
N THR A 178 8.09 -21.16 32.48
CA THR A 178 7.87 -22.09 31.38
C THR A 178 9.17 -22.78 31.03
N LEU A 179 9.21 -24.10 31.23
CA LEU A 179 10.35 -24.94 30.87
C LEU A 179 10.03 -25.65 29.55
N THR A 180 10.81 -25.36 28.52
CA THR A 180 10.60 -25.93 27.19
C THR A 180 11.76 -26.84 26.82
N LEU A 181 11.42 -28.06 26.38
CA LEU A 181 12.39 -29.02 25.89
C LEU A 181 11.89 -29.64 24.59
N SER A 182 12.81 -30.28 23.88
CA SER A 182 12.42 -31.07 22.73
C SER A 182 11.66 -32.30 23.20
N LYS A 183 10.74 -32.79 22.34
CA LYS A 183 9.97 -33.97 22.70
C LYS A 183 10.88 -35.16 22.96
N ALA A 184 12.06 -35.18 22.35
CA ALA A 184 13.03 -36.25 22.62
C ALA A 184 13.49 -36.20 24.07
N ASP A 185 13.95 -35.03 24.52
CA ASP A 185 14.42 -34.91 25.90
C ASP A 185 13.30 -35.15 26.91
N TYR A 186 12.07 -34.75 26.57
CA TYR A 186 10.96 -34.95 27.49
C TYR A 186 10.64 -36.43 27.65
N GLU A 187 10.73 -37.19 26.56
CA GLU A 187 10.45 -38.62 26.63
C GLU A 187 11.56 -39.37 27.36
N LYS A 188 12.77 -38.82 27.39
CA LYS A 188 13.94 -39.50 27.95
C LYS A 188 14.08 -39.31 29.46
N HIS A 189 13.10 -38.70 30.11
CA HIS A 189 13.14 -38.45 31.54
C HIS A 189 11.80 -38.81 32.16
N LYS A 190 11.82 -39.05 33.48
CA LYS A 190 10.64 -39.41 34.23
C LYS A 190 10.15 -38.27 35.11
N LEU A 191 10.94 -37.84 36.09
CA LEU A 191 10.48 -36.89 37.09
C LEU A 191 10.71 -35.45 36.66
N TYR A 192 9.71 -34.61 36.90
CA TYR A 192 9.77 -33.18 36.61
C TYR A 192 9.26 -32.42 37.82
N ALA A 193 10.12 -31.62 38.43
CA ALA A 193 9.82 -30.93 39.67
C ALA A 193 9.94 -29.43 39.48
N CYS A 194 9.14 -28.70 40.25
CA CYS A 194 9.18 -27.23 40.27
C CYS A 194 9.36 -26.81 41.73
N GLU A 195 10.53 -26.26 42.04
CA GLU A 195 10.86 -25.87 43.40
C GLU A 195 10.69 -24.36 43.56
N VAL A 196 9.85 -23.96 44.50
CA VAL A 196 9.52 -22.57 44.74
C VAL A 196 10.10 -22.16 46.08
N THR A 197 10.86 -21.06 46.09
CA THR A 197 11.41 -20.48 47.31
C THR A 197 10.86 -19.07 47.44
N HIS A 198 10.29 -18.76 48.60
CA HIS A 198 9.63 -17.47 48.76
C HIS A 198 9.63 -17.10 50.24
N GLN A 199 9.52 -15.79 50.49
CA GLN A 199 9.49 -15.30 51.86
C GLN A 199 8.26 -15.80 52.61
N GLY A 200 7.15 -15.99 51.90
CA GLY A 200 5.94 -16.53 52.50
C GLY A 200 5.97 -17.99 52.80
N LEU A 201 7.06 -18.68 52.48
CA LEU A 201 7.18 -20.12 52.70
C LEU A 201 8.21 -20.38 53.80
N SER A 202 7.82 -21.19 54.79
CA SER A 202 8.74 -21.56 55.85
C SER A 202 9.86 -22.45 55.32
N SER A 203 9.54 -23.30 54.35
CA SER A 203 10.47 -24.18 53.67
C SER A 203 10.08 -24.23 52.21
N PRO A 204 11.02 -24.52 51.31
CA PRO A 204 10.69 -24.55 49.88
C PRO A 204 9.56 -25.52 49.57
N VAL A 205 8.74 -25.14 48.60
CA VAL A 205 7.57 -25.92 48.17
C VAL A 205 7.86 -26.48 46.78
N THR A 206 7.56 -27.76 46.60
CA THR A 206 7.87 -28.46 45.35
C THR A 206 6.62 -29.14 44.83
N LYS A 207 6.25 -28.82 43.59
CA LYS A 207 5.20 -29.51 42.86
C LYS A 207 5.85 -30.30 41.74
N SER A 208 5.47 -31.56 41.58
CA SER A 208 6.16 -32.42 40.63
C SER A 208 5.21 -33.45 40.03
N PHE A 209 5.55 -33.89 38.82
CA PHE A 209 4.87 -34.97 38.13
C PHE A 209 5.92 -35.82 37.41
N ASN A 210 5.53 -37.03 37.01
CA ASN A 210 6.54 -38.00 36.60
C ASN A 210 6.24 -38.80 35.33
N ARG A 211 5.06 -38.74 34.75
CA ARG A 211 4.79 -39.50 33.52
C ARG A 211 5.20 -38.62 32.34
N GLY A 212 6.40 -38.85 31.82
CA GLY A 212 6.91 -38.06 30.71
C GLY A 212 7.96 -38.70 29.81
N GLN B 1 -19.29 10.60 23.90
CA GLN B 1 -17.90 10.78 24.29
C GLN B 1 -16.96 10.64 23.10
N VAL B 2 -15.83 11.32 23.15
CA VAL B 2 -14.85 11.30 22.06
C VAL B 2 -13.89 10.13 22.28
N GLN B 3 -13.68 9.34 21.24
CA GLN B 3 -12.80 8.18 21.29
C GLN B 3 -11.77 8.28 20.17
N LEU B 4 -10.61 7.67 20.40
CA LEU B 4 -9.54 7.62 19.41
C LEU B 4 -9.09 6.17 19.23
N GLN B 5 -9.28 5.64 18.03
CA GLN B 5 -8.78 4.32 17.67
C GLN B 5 -7.68 4.46 16.62
N GLU B 6 -6.70 3.56 16.68
CA GLU B 6 -5.55 3.60 15.81
C GLU B 6 -5.43 2.30 15.04
N SER B 7 -4.72 2.36 13.92
CA SER B 7 -4.60 1.20 13.03
C SER B 7 -3.40 1.41 12.12
N GLY B 8 -3.14 0.40 11.29
CA GLY B 8 -1.96 0.36 10.47
C GLY B 8 -1.16 -0.91 10.71
N PRO B 9 -0.18 -1.17 9.85
CA PRO B 9 0.59 -2.41 9.97
C PRO B 9 1.50 -2.37 11.19
N GLY B 10 1.58 -3.50 11.89
CA GLY B 10 2.40 -3.59 13.07
C GLY B 10 3.76 -4.21 12.80
N LEU B 11 4.19 -4.15 11.55
CA LEU B 11 5.51 -4.68 11.16
C LEU B 11 5.93 -3.99 9.87
N VAL B 12 7.01 -3.24 9.92
CA VAL B 12 7.61 -2.61 8.75
C VAL B 12 9.04 -3.12 8.58
N LYS B 13 9.46 -3.28 7.34
CA LYS B 13 10.84 -3.67 7.10
C LYS B 13 11.75 -2.45 7.21
N PRO B 14 13.01 -2.64 7.59
CA PRO B 14 13.91 -1.49 7.78
C PRO B 14 14.06 -0.65 6.53
N SER B 15 14.36 0.64 6.73
CA SER B 15 14.54 1.61 5.65
C SER B 15 13.28 1.77 4.80
N GLU B 16 12.12 1.52 5.40
CA GLU B 16 10.84 1.70 4.73
C GLU B 16 9.97 2.65 5.54
N THR B 17 8.80 3.00 4.99
CA THR B 17 7.94 4.00 5.59
C THR B 17 6.87 3.38 6.49
N LEU B 18 6.53 4.11 7.55
CA LEU B 18 5.48 3.74 8.48
C LEU B 18 4.18 4.44 8.12
N SER B 19 3.09 3.67 8.03
CA SER B 19 1.75 4.21 7.81
C SER B 19 0.88 3.94 9.03
N LEU B 20 0.38 5.01 9.64
CA LEU B 20 -0.55 4.91 10.76
C LEU B 20 -1.66 5.93 10.57
N THR B 21 -2.89 5.54 10.89
CA THR B 21 -4.05 6.42 10.76
C THR B 21 -4.88 6.35 12.04
N CYS B 22 -5.13 7.51 12.64
CA CYS B 22 -5.94 7.62 13.84
C CYS B 22 -7.29 8.22 13.44
N THR B 23 -8.37 7.51 13.77
CA THR B 23 -9.72 7.90 13.41
C THR B 23 -10.45 8.42 14.63
N VAL B 24 -11.03 9.61 14.53
CA VAL B 24 -11.76 10.25 15.62
C VAL B 24 -13.24 9.95 15.44
N SER B 25 -13.83 9.28 16.42
CA SER B 25 -15.26 9.01 16.45
C SER B 25 -15.87 9.67 17.68
N GLY B 26 -17.16 9.98 17.59
CA GLY B 26 -17.82 10.68 18.67
C GLY B 26 -17.46 12.14 18.79
N GLY B 27 -16.92 12.73 17.72
CA GLY B 27 -16.52 14.12 17.75
C GLY B 27 -16.04 14.54 16.38
N SER B 28 -15.66 15.81 16.29
CA SER B 28 -15.18 16.40 15.06
C SER B 28 -13.72 16.80 15.18
N VAL B 29 -13.00 16.74 14.05
CA VAL B 29 -11.63 17.25 13.99
C VAL B 29 -11.59 18.75 13.79
N SER B 30 -12.77 19.39 13.78
CA SER B 30 -12.93 20.82 13.51
C SER B 30 -13.48 21.48 14.78
N SER B 31 -12.59 21.97 15.63
CA SER B 31 -12.97 22.75 16.81
C SER B 31 -11.91 23.82 17.03
N GLY B 32 -11.84 24.75 16.08
CA GLY B 32 -10.77 25.72 16.09
C GLY B 32 -9.46 24.97 16.04
N SER B 33 -8.62 25.18 17.05
CA SER B 33 -7.35 24.49 17.16
C SER B 33 -7.41 23.49 18.30
N TYR B 34 -7.74 22.25 17.98
CA TYR B 34 -7.20 21.10 18.69
C TYR B 34 -5.88 20.73 18.03
N TYR B 35 -5.00 20.12 18.81
CA TYR B 35 -3.62 19.88 18.36
C TYR B 35 -3.37 18.38 18.29
N TRP B 36 -4.03 17.73 17.33
CA TRP B 36 -3.87 16.29 17.11
C TRP B 36 -2.41 15.93 16.89
N SER B 37 -1.90 14.99 17.68
CA SER B 37 -0.48 14.74 17.76
C SER B 37 -0.21 13.24 17.88
N TRP B 38 1.06 12.87 17.79
CA TRP B 38 1.51 11.49 17.86
C TRP B 38 2.62 11.38 18.90
N ILE B 39 2.55 10.35 19.73
CA ILE B 39 3.55 10.08 20.76
C ILE B 39 3.86 8.59 20.76
N ARG B 40 5.15 8.25 20.75
CA ARG B 40 5.59 6.87 20.72
C ARG B 40 6.33 6.52 22.01
N GLN B 41 6.34 5.23 22.32
CA GLN B 41 6.95 4.74 23.55
C GLN B 41 7.66 3.42 23.31
N PRO B 42 8.99 3.40 23.32
CA PRO B 42 9.71 2.14 23.23
C PRO B 42 9.38 1.25 24.41
N PRO B 43 9.41 -0.07 24.23
CA PRO B 43 9.08 -0.97 25.33
C PRO B 43 10.11 -0.85 26.45
N GLY B 44 9.61 -0.72 27.68
CA GLY B 44 10.46 -0.54 28.84
C GLY B 44 11.12 0.81 28.96
N LYS B 45 10.90 1.71 28.02
CA LYS B 45 11.45 3.06 28.05
C LYS B 45 10.32 4.07 28.28
N GLY B 46 10.64 5.35 28.16
CA GLY B 46 9.70 6.42 28.43
C GLY B 46 8.96 6.86 27.18
N LEU B 47 8.31 8.03 27.30
CA LEU B 47 7.51 8.60 26.23
C LEU B 47 8.32 9.62 25.45
N GLU B 48 8.13 9.62 24.13
CA GLU B 48 8.78 10.58 23.24
C GLU B 48 7.71 11.21 22.35
N TRP B 49 7.70 12.54 22.29
CA TRP B 49 6.73 13.27 21.48
C TRP B 49 7.23 13.39 20.04
N ILE B 50 6.35 13.06 19.08
CA ILE B 50 6.72 13.08 17.67
C ILE B 50 6.44 14.44 17.07
N GLY B 51 5.17 14.81 17.03
CA GLY B 51 4.78 16.08 16.44
C GLY B 51 3.27 16.22 16.45
N TYR B 52 2.81 17.32 15.88
CA TYR B 52 1.37 17.56 15.81
C TYR B 52 1.00 18.32 14.54
N ILE B 53 -0.27 18.20 14.16
CA ILE B 53 -0.88 19.01 13.13
C ILE B 53 -2.22 19.52 13.66
N TYR B 54 -2.58 20.74 13.30
CA TYR B 54 -3.84 21.33 13.72
C TYR B 54 -4.64 21.79 12.50
N TYR B 55 -5.83 22.33 12.77
CA TYR B 55 -6.83 22.71 11.77
C TYR B 55 -6.28 23.32 10.49
N SER B 56 -5.28 24.21 10.60
CA SER B 56 -4.77 24.88 9.40
C SER B 56 -3.92 23.94 8.55
N GLY B 57 -3.27 22.95 9.16
CA GLY B 57 -2.29 22.13 8.48
C GLY B 57 -0.86 22.47 8.80
N SER B 58 -0.62 23.44 9.67
CA SER B 58 0.74 23.73 10.10
C SER B 58 1.23 22.64 11.04
N THR B 59 2.53 22.38 11.00
CA THR B 59 3.10 21.23 11.70
C THR B 59 4.40 21.61 12.38
N ASN B 60 4.54 21.17 13.64
CA ASN B 60 5.81 21.21 14.34
C ASN B 60 6.23 19.78 14.62
N TYR B 61 7.48 19.48 14.31
CA TYR B 61 8.03 18.13 14.45
C TYR B 61 9.18 18.14 15.43
N ASN B 62 9.34 17.04 16.15
CA ASN B 62 10.51 16.88 16.99
C ASN B 62 11.76 16.96 16.13
N PRO B 63 12.80 17.67 16.56
CA PRO B 63 13.99 17.84 15.71
C PRO B 63 14.62 16.56 15.18
N SER B 64 14.87 15.57 16.05
CA SER B 64 15.52 14.33 15.60
C SER B 64 14.68 13.59 14.56
N LEU B 65 13.36 13.79 14.57
CA LEU B 65 12.46 13.11 13.65
C LEU B 65 12.08 13.99 12.46
N LYS B 66 12.58 15.21 12.39
CA LYS B 66 12.38 16.05 11.21
C LYS B 66 12.90 15.33 9.96
N SER B 67 12.32 15.71 8.81
CA SER B 67 12.71 15.18 7.50
C SER B 67 12.30 13.71 7.34
N ARG B 68 11.94 13.06 8.45
CA ARG B 68 11.45 11.70 8.42
C ARG B 68 9.97 11.60 8.79
N VAL B 69 9.37 12.67 9.29
CA VAL B 69 8.00 12.66 9.78
C VAL B 69 7.14 13.52 8.88
N THR B 70 5.93 13.06 8.59
CA THR B 70 4.94 13.82 7.84
C THR B 70 3.56 13.42 8.33
N ILE B 71 2.80 14.41 8.83
CA ILE B 71 1.47 14.18 9.38
C ILE B 71 0.49 15.03 8.60
N SER B 72 -0.72 14.49 8.37
CA SER B 72 -1.71 15.12 7.52
C SER B 72 -3.09 14.92 8.11
N VAL B 73 -4.08 15.59 7.53
CA VAL B 73 -5.46 15.55 8.00
C VAL B 73 -6.39 15.29 6.82
N ASP B 74 -7.42 14.46 7.06
CA ASP B 74 -8.50 14.23 6.11
C ASP B 74 -9.80 14.61 6.82
N THR B 75 -10.27 15.84 6.60
CA THR B 75 -11.45 16.31 7.30
C THR B 75 -12.72 15.64 6.82
N SER B 76 -12.76 15.20 5.56
CA SER B 76 -13.96 14.54 5.05
C SER B 76 -14.11 13.12 5.59
N LYS B 77 -13.05 12.53 6.13
CA LYS B 77 -13.11 11.23 6.78
C LYS B 77 -12.89 11.30 8.28
N ASN B 78 -12.64 12.50 8.83
CA ASN B 78 -12.35 12.68 10.26
C ASN B 78 -11.15 11.84 10.69
N GLN B 79 -10.05 12.00 9.96
CA GLN B 79 -8.84 11.21 10.21
C GLN B 79 -7.62 12.12 10.17
N PHE B 80 -6.56 11.67 10.86
CA PHE B 80 -5.24 12.23 10.68
C PHE B 80 -4.23 11.09 10.78
N SER B 81 -3.25 11.10 9.88
CA SER B 81 -2.32 9.98 9.74
C SER B 81 -0.90 10.45 9.95
N LEU B 82 -0.01 9.48 10.23
CA LEU B 82 1.41 9.74 10.44
C LEU B 82 2.23 8.87 9.50
N LYS B 83 3.30 9.45 8.95
CA LYS B 83 4.20 8.74 8.05
C LYS B 83 5.64 8.96 8.52
N LEU B 84 6.36 7.86 8.73
CA LEU B 84 7.76 7.90 9.15
C LEU B 84 8.59 7.02 8.22
N SER B 85 9.52 7.63 7.50
CA SER B 85 10.30 6.96 6.47
C SER B 85 11.68 6.58 6.98
N SER B 86 12.35 5.70 6.22
CA SER B 86 13.67 5.17 6.53
C SER B 86 13.76 4.73 7.99
N VAL B 87 12.96 3.73 8.32
CA VAL B 87 12.79 3.26 9.68
C VAL B 87 13.88 2.26 10.04
N THR B 88 14.44 2.40 11.23
CA THR B 88 15.44 1.49 11.76
C THR B 88 14.85 0.72 12.95
N ALA B 89 15.69 -0.14 13.54
CA ALA B 89 15.24 -0.93 14.69
C ALA B 89 14.94 -0.04 15.89
N ALA B 90 15.57 1.13 15.97
CA ALA B 90 15.35 2.05 17.07
C ALA B 90 14.02 2.79 16.96
N ASP B 91 13.20 2.49 15.96
CA ASP B 91 11.86 3.04 15.85
C ASP B 91 10.78 2.04 16.26
N THR B 92 11.15 0.83 16.65
CA THR B 92 10.18 -0.12 17.18
C THR B 92 9.64 0.39 18.51
N ALA B 93 8.34 0.66 18.56
CA ALA B 93 7.72 1.22 19.75
C ALA B 93 6.21 1.15 19.61
N VAL B 94 5.52 1.37 20.72
CA VAL B 94 4.08 1.56 20.71
C VAL B 94 3.79 3.02 20.36
N TYR B 95 2.97 3.23 19.34
CA TYR B 95 2.63 4.57 18.90
C TYR B 95 1.21 4.92 19.37
N TYR B 96 1.08 6.09 20.00
CA TYR B 96 -0.22 6.59 20.46
C TYR B 96 -0.59 7.84 19.68
N CYS B 97 -1.86 7.94 19.29
CA CYS B 97 -2.41 9.20 18.83
C CYS B 97 -3.18 9.84 19.97
N ALA B 98 -3.02 11.15 20.14
CA ALA B 98 -3.67 11.87 21.21
C ALA B 98 -3.94 13.29 20.74
N ARG B 99 -4.96 13.90 21.34
CA ARG B 99 -5.29 15.29 21.07
C ARG B 99 -4.87 16.15 22.26
N GLU B 100 -4.09 17.20 21.97
CA GLU B 100 -3.73 18.20 22.95
C GLU B 100 -4.73 19.35 22.83
N GLY B 101 -5.62 19.48 23.80
CA GLY B 101 -6.76 20.36 23.67
C GLY B 101 -6.95 21.29 24.85
N LYS B 102 -7.29 22.54 24.54
CA LYS B 102 -7.71 23.56 25.52
C LYS B 102 -6.64 23.69 26.60
N ASN B 103 -7.00 23.67 27.88
CA ASN B 103 -6.01 23.81 28.94
C ASN B 103 -5.04 22.64 28.92
N GLY B 104 -3.78 22.93 29.23
CA GLY B 104 -2.77 21.89 29.32
C GLY B 104 -2.58 21.17 28.00
N ALA B 105 -2.73 19.86 28.02
CA ALA B 105 -2.43 19.03 26.85
C ALA B 105 -2.95 17.62 27.07
N PHE B 106 -3.14 16.92 25.96
CA PHE B 106 -3.32 15.46 25.93
C PHE B 106 -4.43 14.99 26.87
N ASP B 107 -5.63 15.51 26.65
CA ASP B 107 -6.78 15.09 27.44
C ASP B 107 -7.31 13.72 27.00
N ILE B 108 -7.13 13.34 25.73
CA ILE B 108 -7.63 12.08 25.20
C ILE B 108 -6.53 11.41 24.40
N TRP B 109 -6.29 10.14 24.67
CA TRP B 109 -5.33 9.31 23.96
C TRP B 109 -6.06 8.20 23.22
N GLY B 110 -5.33 7.52 22.34
CA GLY B 110 -5.85 6.36 21.65
C GLY B 110 -5.50 5.08 22.38
N GLN B 111 -5.92 3.96 21.79
CA GLN B 111 -5.63 2.66 22.38
C GLN B 111 -4.16 2.29 22.29
N GLY B 112 -3.42 2.86 21.34
CA GLY B 112 -2.03 2.49 21.14
C GLY B 112 -1.88 1.29 20.23
N THR B 113 -0.94 1.38 19.28
CA THR B 113 -0.64 0.28 18.38
C THR B 113 0.87 0.11 18.32
N MET B 114 1.34 -1.12 18.47
CA MET B 114 2.76 -1.41 18.45
C MET B 114 3.25 -1.68 17.04
N VAL B 115 4.40 -1.09 16.71
CA VAL B 115 5.05 -1.28 15.42
C VAL B 115 6.42 -1.90 15.68
N THR B 116 6.59 -3.14 15.25
CA THR B 116 7.87 -3.84 15.33
C THR B 116 8.56 -3.74 13.98
N VAL B 117 9.82 -3.32 13.99
CA VAL B 117 10.59 -3.09 12.78
C VAL B 117 11.52 -4.28 12.60
N SER B 118 11.17 -5.18 11.69
CA SER B 118 11.90 -6.42 11.50
C SER B 118 11.95 -6.80 10.02
N SER B 119 13.08 -7.39 9.61
CA SER B 119 13.14 -8.01 8.29
C SER B 119 12.38 -9.32 8.25
N ALA B 120 12.14 -9.93 9.42
CA ALA B 120 11.46 -11.21 9.48
C ALA B 120 9.99 -11.06 9.10
N SER B 121 9.40 -12.18 8.70
CA SER B 121 8.02 -12.22 8.29
C SER B 121 7.11 -12.54 9.48
N THR B 122 5.82 -12.29 9.29
CA THR B 122 4.84 -12.50 10.34
C THR B 122 4.56 -13.98 10.52
N LYS B 123 4.65 -14.46 11.76
CA LYS B 123 4.33 -15.85 12.09
C LYS B 123 3.19 -15.88 13.09
N GLY B 124 2.15 -16.65 12.78
CA GLY B 124 1.01 -16.80 13.66
C GLY B 124 1.31 -17.73 14.80
N PRO B 125 0.51 -17.65 15.86
CA PRO B 125 0.79 -18.42 17.08
C PRO B 125 0.22 -19.83 17.04
N SER B 126 0.77 -20.66 17.91
CA SER B 126 0.24 -21.99 18.20
C SER B 126 -0.37 -21.97 19.59
N VAL B 127 -1.63 -22.36 19.70
CA VAL B 127 -2.37 -22.30 20.96
C VAL B 127 -2.47 -23.72 21.51
N PHE B 128 -1.83 -23.95 22.66
CA PHE B 128 -1.88 -25.23 23.34
C PHE B 128 -2.62 -25.10 24.66
N PRO B 129 -3.38 -26.12 25.07
CA PRO B 129 -4.16 -26.00 26.30
C PRO B 129 -3.33 -26.32 27.53
N LEU B 130 -3.62 -25.60 28.60
CA LEU B 130 -3.07 -25.86 29.93
C LEU B 130 -4.22 -26.47 30.72
N ALA B 131 -4.35 -27.80 30.62
CA ALA B 131 -5.53 -28.49 31.12
C ALA B 131 -5.46 -28.65 32.63
N PRO B 132 -6.56 -28.41 33.35
CA PRO B 132 -6.53 -28.56 34.80
C PRO B 132 -6.61 -30.02 35.19
N SER B 133 -5.98 -30.34 36.31
CA SER B 133 -5.95 -31.73 36.77
C SER B 133 -5.78 -31.74 38.28
N SER B 134 -5.47 -32.92 38.82
CA SER B 134 -5.26 -33.06 40.26
C SER B 134 -4.03 -32.29 40.71
N LYS B 135 -2.93 -32.38 39.97
CA LYS B 135 -1.76 -31.59 40.31
C LYS B 135 -1.91 -30.11 39.98
N SER B 136 -3.00 -29.73 39.32
CA SER B 136 -3.27 -28.34 39.01
C SER B 136 -4.33 -27.73 39.93
N THR B 137 -4.59 -28.35 41.08
CA THR B 137 -5.45 -27.79 42.10
C THR B 137 -4.73 -27.80 43.44
N SER B 138 -4.91 -26.72 44.20
CA SER B 138 -4.26 -26.53 45.51
C SER B 138 -5.34 -26.01 46.46
N GLY B 139 -6.17 -26.92 46.96
CA GLY B 139 -7.21 -26.58 47.91
C GLY B 139 -8.58 -26.50 47.24
N GLY B 140 -9.32 -25.43 47.51
CA GLY B 140 -10.66 -25.30 46.99
C GLY B 140 -10.72 -24.99 45.51
N THR B 141 -9.68 -24.33 44.99
CA THR B 141 -9.68 -23.86 43.62
C THR B 141 -8.65 -24.60 42.78
N ALA B 142 -8.89 -24.62 41.47
CA ALA B 142 -8.02 -25.25 40.49
C ALA B 142 -7.71 -24.26 39.39
N ALA B 143 -6.58 -24.48 38.71
CA ALA B 143 -6.10 -23.56 37.69
C ALA B 143 -6.10 -24.23 36.32
N LEU B 144 -6.44 -23.45 35.29
CA LEU B 144 -6.38 -23.88 33.91
C LEU B 144 -6.01 -22.69 33.06
N GLY B 145 -5.65 -22.93 31.81
CA GLY B 145 -5.26 -21.82 30.97
C GLY B 145 -4.89 -22.25 29.57
N CYS B 146 -4.28 -21.32 28.85
CA CYS B 146 -3.91 -21.48 27.46
C CYS B 146 -2.48 -21.00 27.25
N LEU B 147 -1.70 -21.78 26.52
CA LEU B 147 -0.33 -21.42 26.21
C LEU B 147 -0.25 -20.97 24.75
N VAL B 148 0.11 -19.72 24.54
CA VAL B 148 0.21 -19.12 23.21
C VAL B 148 1.69 -18.97 22.90
N LYS B 149 2.20 -19.83 22.03
CA LYS B 149 3.64 -20.01 21.87
C LYS B 149 4.06 -19.76 20.43
N ASP B 150 5.26 -19.18 20.27
CA ASP B 150 5.95 -19.06 18.98
C ASP B 150 5.14 -18.22 17.99
N TYR B 151 5.13 -16.91 18.25
CA TYR B 151 4.48 -15.95 17.38
C TYR B 151 5.32 -14.70 17.28
N PHE B 152 5.05 -13.91 16.24
CA PHE B 152 5.76 -12.66 15.98
C PHE B 152 5.01 -11.85 14.93
N PRO B 153 4.87 -10.52 15.11
CA PRO B 153 5.34 -9.79 16.27
C PRO B 153 4.26 -9.61 17.32
N GLU B 154 4.49 -8.70 18.26
CA GLU B 154 3.48 -8.36 19.24
C GLU B 154 2.43 -7.44 18.61
N PRO B 155 1.21 -7.39 19.18
CA PRO B 155 0.74 -8.15 20.34
C PRO B 155 -0.33 -9.19 20.03
N VAL B 156 -0.60 -10.06 20.99
CA VAL B 156 -1.78 -10.92 20.95
C VAL B 156 -2.69 -10.54 22.11
N THR B 157 -3.96 -10.90 21.97
CA THR B 157 -4.96 -10.64 22.99
C THR B 157 -5.74 -11.92 23.25
N VAL B 158 -5.88 -12.28 24.52
CA VAL B 158 -6.56 -13.50 24.93
C VAL B 158 -7.79 -13.12 25.75
N SER B 159 -8.91 -13.76 25.44
CA SER B 159 -10.14 -13.59 26.20
C SER B 159 -10.78 -14.95 26.41
N TRP B 160 -11.40 -15.13 27.57
CA TRP B 160 -12.00 -16.40 27.95
C TRP B 160 -13.52 -16.32 27.79
N ASN B 161 -14.08 -17.18 26.93
CA ASN B 161 -15.51 -17.24 26.67
C ASN B 161 -16.05 -15.89 26.21
N SER B 162 -15.41 -15.34 25.18
CA SER B 162 -15.82 -14.08 24.54
C SER B 162 -16.05 -12.96 25.55
N GLY B 163 -15.21 -12.91 26.58
CA GLY B 163 -15.27 -11.86 27.58
C GLY B 163 -16.22 -12.14 28.74
N ALA B 164 -16.99 -13.23 28.69
CA ALA B 164 -17.90 -13.54 29.78
C ALA B 164 -17.18 -13.82 31.08
N LEU B 165 -15.94 -14.30 31.00
CA LEU B 165 -15.14 -14.66 32.17
C LEU B 165 -14.08 -13.60 32.38
N THR B 166 -14.08 -12.98 33.56
CA THR B 166 -13.07 -11.97 33.90
C THR B 166 -12.49 -12.13 35.31
N SER B 167 -13.27 -12.56 36.29
CA SER B 167 -12.75 -12.71 37.64
C SER B 167 -11.83 -13.92 37.71
N GLY B 168 -10.59 -13.72 38.17
CA GLY B 168 -9.64 -14.80 38.30
C GLY B 168 -8.78 -15.05 37.08
N VAL B 169 -8.85 -14.21 36.06
CA VAL B 169 -8.06 -14.38 34.84
C VAL B 169 -6.74 -13.65 35.00
N HIS B 170 -5.65 -14.31 34.58
CA HIS B 170 -4.31 -13.74 34.61
C HIS B 170 -3.65 -14.01 33.26
N THR B 171 -3.45 -12.97 32.46
CA THR B 171 -2.73 -13.08 31.20
C THR B 171 -1.34 -12.47 31.38
N PHE B 172 -0.31 -13.30 31.19
CA PHE B 172 1.06 -12.92 31.49
C PHE B 172 1.67 -12.12 30.34
N PRO B 173 2.61 -11.23 30.65
CA PRO B 173 3.35 -10.54 29.58
C PRO B 173 4.15 -11.52 28.75
N ALA B 174 4.23 -11.24 27.45
CA ALA B 174 4.99 -12.09 26.55
C ALA B 174 6.49 -11.97 26.82
N VAL B 175 7.24 -12.99 26.41
CA VAL B 175 8.68 -13.05 26.60
C VAL B 175 9.35 -13.47 25.30
N LEU B 176 10.56 -12.94 25.05
CA LEU B 176 11.39 -13.44 23.95
C LEU B 176 11.91 -14.82 24.28
N GLN B 177 11.55 -15.79 23.46
CA GLN B 177 12.16 -17.10 23.59
C GLN B 177 13.61 -17.05 23.15
N SER B 178 14.38 -18.07 23.53
CA SER B 178 15.78 -18.13 23.15
C SER B 178 15.98 -18.11 21.65
N SER B 179 14.92 -18.34 20.86
CA SER B 179 14.99 -18.41 19.41
C SER B 179 13.90 -17.53 18.82
N GLY B 180 14.13 -16.22 18.85
CA GLY B 180 13.34 -15.30 18.04
C GLY B 180 11.96 -14.85 18.42
N LEU B 181 11.06 -15.79 18.69
CA LEU B 181 9.62 -15.52 18.71
C LEU B 181 9.13 -15.22 20.13
N TYR B 182 7.91 -14.69 20.20
CA TYR B 182 7.26 -14.36 21.46
C TYR B 182 6.43 -15.53 21.98
N SER B 183 6.03 -15.43 23.24
CA SER B 183 5.21 -16.44 23.89
C SER B 183 4.70 -15.91 25.21
N LEU B 184 3.44 -16.21 25.52
CA LEU B 184 2.85 -15.87 26.80
C LEU B 184 1.86 -16.96 27.19
N SER B 185 1.36 -16.85 28.41
CA SER B 185 0.36 -17.77 28.90
C SER B 185 -0.76 -16.98 29.55
N SER B 186 -2.00 -17.41 29.32
CA SER B 186 -3.16 -16.89 30.01
C SER B 186 -3.76 -18.00 30.86
N VAL B 187 -3.99 -17.72 32.14
CA VAL B 187 -4.50 -18.70 33.07
C VAL B 187 -5.73 -18.12 33.77
N VAL B 188 -6.49 -18.99 34.41
CA VAL B 188 -7.67 -18.58 35.15
C VAL B 188 -7.87 -19.54 36.32
N THR B 189 -8.24 -18.99 37.47
CA THR B 189 -8.50 -19.76 38.66
C THR B 189 -10.00 -20.01 38.77
N VAL B 190 -10.37 -21.26 39.04
CA VAL B 190 -11.78 -21.65 39.12
C VAL B 190 -11.95 -22.59 40.31
N PRO B 191 -13.17 -22.68 40.84
CA PRO B 191 -13.44 -23.67 41.90
C PRO B 191 -13.37 -25.08 41.33
N SER B 192 -12.79 -25.98 42.12
CA SER B 192 -12.59 -27.36 41.64
C SER B 192 -13.90 -28.08 41.35
N SER B 193 -15.03 -27.56 41.86
CA SER B 193 -16.30 -28.22 41.61
C SER B 193 -16.75 -28.07 40.16
N SER B 194 -16.53 -26.89 39.56
CA SER B 194 -16.99 -26.57 38.23
C SER B 194 -16.14 -27.19 37.12
N LEU B 195 -15.41 -28.26 37.41
CA LEU B 195 -14.50 -28.84 36.43
C LEU B 195 -15.24 -29.61 35.34
N GLY B 196 -16.03 -30.60 35.74
CA GLY B 196 -16.67 -31.48 34.76
C GLY B 196 -17.88 -30.90 34.06
N THR B 197 -18.39 -29.73 34.49
CA THR B 197 -19.66 -29.24 33.99
C THR B 197 -19.59 -27.90 33.27
N GLN B 198 -18.60 -27.06 33.54
CA GLN B 198 -18.52 -25.75 32.92
C GLN B 198 -17.47 -25.74 31.83
N THR B 199 -17.75 -25.02 30.75
CA THR B 199 -16.91 -24.98 29.57
C THR B 199 -15.97 -23.78 29.63
N TYR B 200 -14.70 -24.02 29.29
CA TYR B 200 -13.68 -22.98 29.27
C TYR B 200 -13.03 -22.95 27.90
N ILE B 201 -13.16 -21.81 27.22
CA ILE B 201 -12.59 -21.61 25.88
C ILE B 201 -11.83 -20.30 25.88
N CYS B 202 -10.55 -20.36 25.54
CA CYS B 202 -9.75 -19.15 25.39
C CYS B 202 -9.76 -18.71 23.93
N ASN B 203 -9.91 -17.41 23.72
CA ASN B 203 -10.03 -16.83 22.38
C ASN B 203 -8.80 -15.97 22.12
N VAL B 204 -7.87 -16.51 21.35
CA VAL B 204 -6.61 -15.84 21.04
C VAL B 204 -6.74 -15.13 19.70
N ASN B 205 -6.22 -13.91 19.62
CA ASN B 205 -6.28 -13.12 18.40
C ASN B 205 -4.92 -12.49 18.14
N HIS B 206 -4.41 -12.65 16.92
CA HIS B 206 -3.12 -12.10 16.51
C HIS B 206 -3.34 -11.29 15.23
N LYS B 207 -3.64 -10.00 15.42
CA LYS B 207 -3.91 -9.13 14.27
C LYS B 207 -2.77 -9.05 13.25
N PRO B 208 -1.49 -9.02 13.63
CA PRO B 208 -0.43 -8.96 12.59
C PRO B 208 -0.53 -10.06 11.55
N SER B 209 -0.80 -11.29 11.96
CA SER B 209 -0.94 -12.40 11.02
C SER B 209 -2.39 -12.68 10.64
N ASN B 210 -3.32 -11.84 11.09
CA ASN B 210 -4.75 -12.03 10.88
C ASN B 210 -5.15 -13.47 11.17
N THR B 211 -4.97 -13.86 12.43
CA THR B 211 -5.22 -15.21 12.88
C THR B 211 -6.05 -15.17 14.16
N LYS B 212 -7.22 -15.80 14.13
CA LYS B 212 -8.05 -15.97 15.31
C LYS B 212 -8.22 -17.47 15.55
N VAL B 213 -8.01 -17.89 16.79
CA VAL B 213 -8.10 -19.29 17.18
C VAL B 213 -8.82 -19.39 18.51
N ASP B 214 -9.90 -20.16 18.55
CA ASP B 214 -10.53 -20.54 19.80
C ASP B 214 -10.12 -21.95 20.16
N LYS B 215 -9.99 -22.22 21.45
CA LYS B 215 -9.49 -23.50 21.93
C LYS B 215 -10.23 -23.85 23.21
N LYS B 216 -11.06 -24.89 23.14
CA LYS B 216 -11.71 -25.39 24.34
C LYS B 216 -10.67 -26.01 25.27
N VAL B 217 -10.80 -25.71 26.56
CA VAL B 217 -9.93 -26.27 27.58
C VAL B 217 -10.78 -27.19 28.44
N GLU B 218 -10.47 -28.47 28.40
CA GLU B 218 -11.18 -29.52 29.12
C GLU B 218 -10.24 -30.14 30.13
N PRO B 219 -10.78 -30.73 31.20
CA PRO B 219 -9.91 -31.40 32.17
C PRO B 219 -9.04 -32.46 31.49
N LYS B 220 -7.88 -32.71 32.08
CA LYS B 220 -6.92 -33.61 31.48
C LYS B 220 -7.50 -35.01 31.38
N SER B 221 -7.42 -35.59 30.20
CA SER B 221 -7.88 -36.96 29.98
C SER B 221 -6.65 -37.84 29.88
N CYS B 222 -6.30 -38.49 30.98
CA CYS B 222 -5.14 -39.35 30.99
C CYS B 222 -5.45 -40.64 30.23
N ASP B 223 -4.51 -41.06 29.40
CA ASP B 223 -4.73 -42.23 28.57
C ASP B 223 -3.64 -43.28 28.74
N LYS B 224 -3.05 -43.34 29.93
CA LYS B 224 -2.40 -44.56 30.40
C LYS B 224 -3.48 -45.30 31.19
N THR B 225 -3.89 -46.46 30.68
CA THR B 225 -5.27 -46.92 30.78
C THR B 225 -5.83 -46.92 32.20
N SER B 226 -7.10 -46.51 32.29
CA SER B 226 -7.95 -46.58 33.47
C SER B 226 -9.07 -47.59 33.24
N HIS B 227 -10.09 -47.53 34.07
CA HIS B 227 -11.32 -48.30 33.88
C HIS B 227 -12.47 -47.31 33.76
N HIS B 228 -13.32 -47.51 32.78
CA HIS B 228 -14.36 -46.54 32.42
C HIS B 228 -15.74 -47.12 32.71
N HIS B 229 -16.59 -46.34 33.37
CA HIS B 229 -17.94 -46.73 33.71
C HIS B 229 -18.91 -46.21 32.66
N HIS B 230 -19.79 -47.09 32.18
CA HIS B 230 -20.79 -46.71 31.20
C HIS B 230 -21.96 -45.97 31.86
N ASP C 1 28.70 11.75 -26.82
CA ASP C 1 27.40 11.42 -27.39
C ASP C 1 27.47 11.36 -28.91
N ILE C 2 26.93 10.29 -29.50
CA ILE C 2 26.90 10.11 -30.95
C ILE C 2 25.56 10.60 -31.45
N GLN C 3 25.58 11.61 -32.32
CA GLN C 3 24.36 12.17 -32.88
C GLN C 3 23.96 11.40 -34.13
N MET C 4 22.66 11.12 -34.25
CA MET C 4 22.11 10.38 -35.39
C MET C 4 21.11 11.26 -36.11
N THR C 5 21.35 11.52 -37.39
CA THR C 5 20.46 12.30 -38.23
C THR C 5 19.74 11.35 -39.20
N GLN C 6 18.42 11.48 -39.27
CA GLN C 6 17.59 10.64 -40.11
C GLN C 6 16.85 11.51 -41.11
N SER C 7 16.78 11.04 -42.36
CA SER C 7 16.11 11.78 -43.41
C SER C 7 15.42 10.81 -44.36
N PRO C 8 14.19 11.13 -44.80
CA PRO C 8 13.47 12.33 -44.37
C PRO C 8 12.67 12.09 -43.09
N SER C 9 12.12 13.15 -42.51
CA SER C 9 11.28 12.98 -41.33
C SER C 9 9.94 12.36 -41.71
N SER C 10 9.41 12.70 -42.88
CA SER C 10 8.12 12.20 -43.34
C SER C 10 8.19 11.95 -44.83
N LEU C 11 7.47 10.91 -45.28
CA LEU C 11 7.41 10.60 -46.70
C LEU C 11 6.14 9.82 -46.98
N SER C 12 5.56 10.07 -48.15
CA SER C 12 4.37 9.35 -48.61
C SER C 12 4.73 8.51 -49.83
N ALA C 13 4.32 7.25 -49.79
CA ALA C 13 4.58 6.32 -50.88
C ALA C 13 3.37 5.43 -51.07
N SER C 14 3.25 4.87 -52.27
CA SER C 14 2.12 4.01 -52.61
C SER C 14 2.46 2.55 -52.35
N VAL C 15 1.43 1.71 -52.36
CA VAL C 15 1.63 0.27 -52.16
C VAL C 15 2.39 -0.29 -53.34
N GLY C 16 3.42 -1.10 -53.05
CA GLY C 16 4.28 -1.65 -54.08
C GLY C 16 5.47 -0.78 -54.44
N ASP C 17 5.51 0.46 -53.94
CA ASP C 17 6.63 1.34 -54.21
C ASP C 17 7.88 0.90 -53.46
N ARG C 18 9.03 1.37 -53.93
CA ARG C 18 10.31 1.10 -53.29
C ARG C 18 10.66 2.27 -52.37
N VAL C 19 10.86 1.99 -51.08
CA VAL C 19 11.09 3.00 -50.07
C VAL C 19 12.53 2.90 -49.60
N THR C 20 13.18 4.07 -49.43
CA THR C 20 14.57 4.14 -49.00
C THR C 20 14.69 5.21 -47.91
N ILE C 21 15.20 4.81 -46.75
CA ILE C 21 15.37 5.71 -45.61
C ILE C 21 16.85 5.88 -45.34
N THR C 22 17.24 7.09 -44.93
CA THR C 22 18.64 7.43 -44.71
C THR C 22 18.89 7.65 -43.22
N CYS C 23 19.95 7.02 -42.72
CA CYS C 23 20.44 7.26 -41.36
C CYS C 23 21.92 7.60 -41.45
N ARG C 24 22.30 8.72 -40.83
CA ARG C 24 23.66 9.23 -40.89
C ARG C 24 24.19 9.38 -39.47
N ALA C 25 25.40 8.87 -39.23
CA ALA C 25 26.04 8.95 -37.93
C ALA C 25 27.08 10.07 -37.91
N SER C 26 27.29 10.64 -36.72
CA SER C 26 28.25 11.73 -36.58
C SER C 26 29.69 11.25 -36.68
N GLN C 27 29.93 9.97 -36.41
CA GLN C 27 31.25 9.37 -36.51
C GLN C 27 31.09 7.94 -36.99
N SER C 28 32.21 7.33 -37.37
CA SER C 28 32.18 5.95 -37.84
C SER C 28 31.76 5.03 -36.71
N ILE C 29 30.71 4.23 -36.96
CA ILE C 29 30.23 3.24 -36.00
C ILE C 29 30.26 1.84 -36.58
N SER C 30 30.97 1.64 -37.69
CA SER C 30 31.13 0.35 -38.36
C SER C 30 29.74 -0.19 -38.71
N SER C 31 29.40 -1.41 -38.33
CA SER C 31 28.12 -2.02 -38.69
C SER C 31 27.22 -2.20 -37.46
N TYR C 32 27.35 -1.34 -36.46
CA TYR C 32 26.52 -1.40 -35.26
C TYR C 32 25.41 -0.36 -35.37
N LEU C 33 24.37 -0.69 -36.13
CA LEU C 33 23.23 0.21 -36.30
C LEU C 33 21.98 -0.61 -36.60
N ASN C 34 21.02 -0.58 -35.69
CA ASN C 34 19.80 -1.38 -35.81
C ASN C 34 18.63 -0.53 -36.28
N TRP C 35 17.66 -1.18 -36.89
CA TRP C 35 16.46 -0.53 -37.40
C TRP C 35 15.23 -1.09 -36.71
N TYR C 36 14.37 -0.20 -36.22
CA TYR C 36 13.16 -0.58 -35.52
C TYR C 36 11.94 0.01 -36.21
N GLN C 37 10.83 -0.71 -36.14
CA GLN C 37 9.54 -0.28 -36.66
C GLN C 37 8.59 -0.05 -35.50
N GLN C 38 8.09 1.17 -35.36
CA GLN C 38 7.15 1.50 -34.29
C GLN C 38 5.82 1.93 -34.92
N LYS C 39 4.80 1.11 -34.72
CA LYS C 39 3.45 1.44 -35.13
C LYS C 39 2.77 2.28 -34.06
N PRO C 40 1.76 3.06 -34.42
CA PRO C 40 1.15 3.98 -33.44
C PRO C 40 0.57 3.24 -32.25
N GLY C 41 0.87 3.74 -31.06
CA GLY C 41 0.39 3.12 -29.84
C GLY C 41 1.06 1.81 -29.47
N LYS C 42 2.05 1.37 -30.25
CA LYS C 42 2.74 0.12 -30.00
C LYS C 42 4.21 0.38 -29.67
N ALA C 43 4.83 -0.59 -29.03
CA ALA C 43 6.24 -0.53 -28.75
C ALA C 43 7.04 -0.74 -30.05
N PRO C 44 8.28 -0.25 -30.10
CA PRO C 44 9.11 -0.52 -31.27
C PRO C 44 9.36 -2.00 -31.46
N LYS C 45 9.61 -2.39 -32.71
CA LYS C 45 9.84 -3.78 -33.10
C LYS C 45 11.15 -3.86 -33.86
N LEU C 46 12.01 -4.79 -33.46
CA LEU C 46 13.31 -4.93 -34.11
C LEU C 46 13.13 -5.53 -35.51
N LEU C 47 13.59 -4.80 -36.52
CA LEU C 47 13.56 -5.29 -37.90
C LEU C 47 14.91 -5.82 -38.35
N ILE C 48 15.95 -5.00 -38.27
CA ILE C 48 17.26 -5.33 -38.81
C ILE C 48 18.31 -5.07 -37.74
N TYR C 49 19.12 -6.07 -37.43
CA TYR C 49 20.27 -5.93 -36.55
C TYR C 49 21.55 -6.01 -37.36
N ALA C 50 22.68 -5.82 -36.67
CA ALA C 50 23.98 -5.59 -37.31
C ALA C 50 23.78 -4.36 -38.19
N ALA C 51 23.93 -4.47 -39.52
CA ALA C 51 23.46 -3.44 -40.43
C ALA C 51 22.65 -4.00 -41.58
N SER C 52 22.67 -5.32 -41.79
CA SER C 52 22.00 -5.94 -42.92
C SER C 52 21.28 -7.24 -42.58
N SER C 53 21.41 -7.74 -41.35
CA SER C 53 20.81 -9.01 -41.00
C SER C 53 19.34 -8.84 -40.62
N LEU C 54 18.51 -9.73 -41.13
CA LEU C 54 17.06 -9.68 -40.89
C LEU C 54 16.72 -10.45 -39.64
N GLN C 55 16.07 -9.79 -38.68
CA GLN C 55 15.59 -10.47 -37.50
C GLN C 55 14.56 -11.52 -37.89
N SER C 56 14.53 -12.62 -37.13
CA SER C 56 13.60 -13.70 -37.41
C SER C 56 12.16 -13.20 -37.38
N GLY C 57 11.38 -13.59 -38.37
CA GLY C 57 10.00 -13.18 -38.50
C GLY C 57 9.77 -11.97 -39.37
N VAL C 58 10.80 -11.18 -39.65
CA VAL C 58 10.64 -9.98 -40.47
C VAL C 58 10.58 -10.40 -41.94
N PRO C 59 9.60 -9.90 -42.70
CA PRO C 59 9.51 -10.25 -44.12
C PRO C 59 10.75 -9.87 -44.89
N SER C 60 10.95 -10.55 -46.03
CA SER C 60 12.13 -10.35 -46.86
C SER C 60 12.14 -9.03 -47.61
N ARG C 61 11.01 -8.30 -47.65
CA ARG C 61 10.96 -7.04 -48.36
C ARG C 61 11.75 -5.94 -47.67
N PHE C 62 12.17 -6.15 -46.43
CA PHE C 62 13.03 -5.21 -45.72
C PHE C 62 14.49 -5.55 -45.96
N SER C 63 15.31 -4.52 -46.12
CA SER C 63 16.74 -4.71 -46.36
C SER C 63 17.50 -3.49 -45.86
N GLY C 64 18.69 -3.72 -45.34
CA GLY C 64 19.52 -2.65 -44.82
C GLY C 64 20.94 -2.73 -45.34
N SER C 65 21.48 -1.57 -45.69
CA SER C 65 22.85 -1.45 -46.17
C SER C 65 23.55 -0.33 -45.42
N GLY C 66 24.88 -0.35 -45.47
CA GLY C 66 25.66 0.72 -44.88
C GLY C 66 26.78 0.26 -43.97
N SER C 67 27.79 1.12 -43.80
CA SER C 67 28.93 0.86 -42.93
C SER C 67 29.72 2.14 -42.71
N GLY C 68 30.06 2.43 -41.45
CA GLY C 68 30.79 3.64 -41.13
C GLY C 68 29.89 4.76 -40.65
N THR C 69 29.50 5.65 -41.57
CA THR C 69 28.67 6.79 -41.24
C THR C 69 27.34 6.84 -41.98
N ASP C 70 27.25 6.24 -43.17
CA ASP C 70 26.07 6.34 -44.02
C ASP C 70 25.39 4.98 -44.09
N PHE C 71 24.10 4.95 -43.77
CA PHE C 71 23.32 3.72 -43.71
C PHE C 71 22.01 3.89 -44.46
N THR C 72 21.42 2.76 -44.83
CA THR C 72 20.23 2.76 -45.67
C THR C 72 19.29 1.64 -45.25
N LEU C 73 18.02 2.00 -45.03
CA LEU C 73 16.93 1.03 -44.88
C LEU C 73 16.06 1.09 -46.13
N THR C 74 15.65 -0.08 -46.61
CA THR C 74 14.94 -0.16 -47.88
C THR C 74 13.81 -1.17 -47.80
N ILE C 75 12.62 -0.74 -48.18
CA ILE C 75 11.46 -1.62 -48.34
C ILE C 75 11.23 -1.80 -49.84
N SER C 76 11.28 -3.05 -50.30
CA SER C 76 11.24 -3.30 -51.74
C SER C 76 9.87 -2.95 -52.32
N SER C 77 8.79 -3.41 -51.68
CA SER C 77 7.44 -3.13 -52.14
C SER C 77 6.60 -2.79 -50.90
N LEU C 78 6.21 -1.53 -50.77
CA LEU C 78 5.51 -1.07 -49.58
C LEU C 78 4.15 -1.75 -49.45
N GLN C 79 3.86 -2.25 -48.27
CA GLN C 79 2.59 -2.85 -47.95
C GLN C 79 1.77 -1.92 -47.07
N PRO C 80 0.43 -2.06 -47.08
CA PRO C 80 -0.39 -1.18 -46.22
C PRO C 80 -0.06 -1.31 -44.75
N GLU C 81 0.31 -2.50 -44.29
CA GLU C 81 0.67 -2.73 -42.90
C GLU C 81 2.06 -2.22 -42.55
N ASP C 82 2.78 -1.62 -43.50
CA ASP C 82 4.09 -1.08 -43.25
C ASP C 82 4.04 0.37 -42.76
N PHE C 83 2.85 0.94 -42.62
CA PHE C 83 2.73 2.30 -42.11
C PHE C 83 3.18 2.33 -40.65
N ALA C 84 4.23 3.09 -40.37
CA ALA C 84 4.79 3.20 -39.03
C ALA C 84 5.84 4.30 -39.06
N THR C 85 6.56 4.44 -37.94
CA THR C 85 7.70 5.33 -37.83
C THR C 85 8.93 4.49 -37.59
N TYR C 86 9.98 4.74 -38.37
CA TYR C 86 11.18 3.91 -38.33
C TYR C 86 12.33 4.68 -37.69
N TYR C 87 13.00 4.05 -36.74
CA TYR C 87 14.10 4.64 -36.00
C TYR C 87 15.36 3.82 -36.23
N CYS C 88 16.49 4.50 -36.39
CA CYS C 88 17.79 3.84 -36.42
C CYS C 88 18.49 4.09 -35.09
N GLN C 89 19.24 3.10 -34.62
CA GLN C 89 19.90 3.18 -33.32
C GLN C 89 21.31 2.63 -33.44
N GLN C 90 22.27 3.42 -32.97
CA GLN C 90 23.66 2.98 -32.97
C GLN C 90 23.92 2.09 -31.75
N SER C 91 24.74 1.06 -31.94
CA SER C 91 25.04 0.07 -30.92
C SER C 91 26.55 -0.01 -30.70
N TYR C 92 27.22 1.14 -30.71
CA TYR C 92 28.67 1.20 -30.69
C TYR C 92 29.21 1.54 -29.30
N SER C 93 28.87 2.73 -28.78
CA SER C 93 29.40 3.17 -27.49
C SER C 93 28.32 3.89 -26.70
N THR C 94 28.41 3.78 -25.38
CA THR C 94 27.47 4.47 -24.52
C THR C 94 27.74 5.98 -24.57
N PRO C 95 26.69 6.81 -24.52
CA PRO C 95 25.30 6.37 -24.42
C PRO C 95 24.70 5.98 -25.78
N LEU C 96 23.88 4.94 -25.79
CA LEU C 96 23.17 4.55 -27.00
C LEU C 96 22.19 5.64 -27.41
N THR C 97 22.13 5.92 -28.71
CA THR C 97 21.29 6.99 -29.24
C THR C 97 20.45 6.49 -30.41
N PHE C 98 19.28 7.09 -30.56
CA PHE C 98 18.36 6.79 -31.64
C PHE C 98 18.30 7.94 -32.63
N GLY C 99 17.84 7.61 -33.84
CA GLY C 99 17.66 8.63 -34.86
C GLY C 99 16.41 9.45 -34.61
N GLY C 100 16.24 10.47 -35.47
CA GLY C 100 15.09 11.34 -35.35
C GLY C 100 13.78 10.68 -35.73
N GLY C 101 13.82 9.57 -36.44
CA GLY C 101 12.60 8.90 -36.85
C GLY C 101 12.14 9.32 -38.23
N THR C 102 11.55 8.36 -38.94
CA THR C 102 11.04 8.57 -40.29
C THR C 102 9.63 7.99 -40.35
N LYS C 103 8.63 8.84 -40.51
CA LYS C 103 7.25 8.41 -40.60
C LYS C 103 6.92 8.10 -42.06
N VAL C 104 6.53 6.86 -42.32
CA VAL C 104 6.17 6.42 -43.66
C VAL C 104 4.65 6.35 -43.73
N GLU C 105 4.05 7.26 -44.47
CA GLU C 105 2.60 7.25 -44.69
C GLU C 105 2.29 6.65 -46.06
N ILE C 106 1.08 6.12 -46.17
CA ILE C 106 0.66 5.36 -47.35
C ILE C 106 -0.27 6.23 -48.19
N LYS C 107 -0.01 6.27 -49.50
CA LYS C 107 -0.89 6.91 -50.45
C LYS C 107 -1.91 5.89 -50.95
N ARG C 108 -3.17 6.30 -51.04
CA ARG C 108 -4.21 5.43 -51.57
C ARG C 108 -5.23 6.27 -52.32
N THR C 109 -6.10 5.58 -53.05
CA THR C 109 -7.13 6.27 -53.82
C THR C 109 -8.08 7.01 -52.88
N VAL C 110 -8.85 7.93 -53.47
CA VAL C 110 -9.81 8.69 -52.68
C VAL C 110 -10.82 7.74 -52.07
N ALA C 111 -11.16 7.98 -50.81
CA ALA C 111 -12.20 7.21 -50.12
C ALA C 111 -13.10 8.19 -49.40
N ALA C 112 -14.39 8.13 -49.72
CA ALA C 112 -15.31 9.03 -49.07
C ALA C 112 -15.69 8.48 -47.69
N PRO C 113 -15.98 9.36 -46.73
CA PRO C 113 -16.39 8.91 -45.40
C PRO C 113 -17.87 8.62 -45.34
N SER C 114 -18.20 7.61 -44.54
CA SER C 114 -19.58 7.35 -44.16
C SER C 114 -19.85 8.06 -42.83
N VAL C 115 -20.89 8.89 -42.80
CA VAL C 115 -21.12 9.80 -41.70
C VAL C 115 -22.19 9.24 -40.79
N PHE C 116 -21.90 9.22 -39.49
CA PHE C 116 -22.83 8.80 -38.46
C PHE C 116 -22.89 9.87 -37.39
N ILE C 117 -24.07 10.07 -36.81
CA ILE C 117 -24.27 11.06 -35.75
C ILE C 117 -24.88 10.37 -34.55
N PHE C 118 -24.45 10.76 -33.36
CA PHE C 118 -24.90 10.14 -32.12
C PHE C 118 -25.48 11.20 -31.21
N PRO C 119 -26.74 11.08 -30.80
CA PRO C 119 -27.30 12.01 -29.82
C PRO C 119 -26.74 11.72 -28.45
N PRO C 120 -26.75 12.71 -27.55
CA PRO C 120 -26.24 12.47 -26.20
C PRO C 120 -27.07 11.41 -25.48
N SER C 121 -26.40 10.60 -24.67
CA SER C 121 -27.09 9.55 -23.94
C SER C 121 -27.95 10.16 -22.84
N ASP C 122 -28.98 9.40 -22.45
CA ASP C 122 -29.81 9.83 -21.33
C ASP C 122 -29.01 9.87 -20.03
N GLU C 123 -28.08 8.93 -19.86
CA GLU C 123 -27.27 8.89 -18.66
C GLU C 123 -26.44 10.16 -18.49
N GLN C 124 -25.93 10.71 -19.59
CA GLN C 124 -25.11 11.93 -19.50
C GLN C 124 -25.97 13.15 -19.18
N LEU C 125 -27.23 13.16 -19.61
CA LEU C 125 -28.08 14.32 -19.36
C LEU C 125 -28.39 14.51 -17.88
N LYS C 126 -28.45 13.41 -17.12
CA LYS C 126 -28.65 13.52 -15.68
C LYS C 126 -27.46 14.15 -14.97
N SER C 127 -26.27 14.11 -15.57
CA SER C 127 -25.09 14.74 -14.99
C SER C 127 -24.99 16.22 -15.33
N GLY C 128 -25.90 16.74 -16.16
CA GLY C 128 -25.91 18.14 -16.50
C GLY C 128 -25.14 18.51 -17.75
N THR C 129 -24.63 17.53 -18.51
CA THR C 129 -23.87 17.79 -19.72
C THR C 129 -24.51 17.05 -20.89
N ALA C 130 -24.28 17.57 -22.10
CA ALA C 130 -24.79 16.97 -23.32
C ALA C 130 -23.69 17.00 -24.38
N SER C 131 -23.31 15.82 -24.88
CA SER C 131 -22.28 15.69 -25.90
C SER C 131 -22.87 15.01 -27.12
N VAL C 132 -22.74 15.65 -28.28
CA VAL C 132 -23.16 15.11 -29.56
C VAL C 132 -21.92 14.72 -30.35
N VAL C 133 -21.83 13.46 -30.76
CA VAL C 133 -20.67 12.92 -31.45
C VAL C 133 -21.04 12.69 -32.91
N CYS C 134 -20.20 13.22 -33.81
CA CYS C 134 -20.34 13.00 -35.24
C CYS C 134 -19.13 12.20 -35.72
N LEU C 135 -19.38 11.13 -36.46
CA LEU C 135 -18.36 10.16 -36.82
C LEU C 135 -18.17 10.09 -38.32
N LEU C 136 -16.91 10.18 -38.76
CA LEU C 136 -16.53 10.02 -40.17
C LEU C 136 -15.67 8.77 -40.23
N ASN C 137 -16.16 7.74 -40.92
CA ASN C 137 -15.52 6.43 -40.89
C ASN C 137 -14.89 6.12 -42.24
N ASN C 138 -13.62 5.69 -42.21
CA ASN C 138 -12.91 5.13 -43.35
C ASN C 138 -12.91 6.06 -44.55
N PHE C 139 -12.00 7.03 -44.57
CA PHE C 139 -11.90 7.97 -45.67
C PHE C 139 -10.44 8.30 -45.94
N TYR C 140 -10.20 8.93 -47.10
CA TYR C 140 -8.88 9.38 -47.52
C TYR C 140 -9.10 10.47 -48.57
N PRO C 141 -8.33 11.58 -48.54
CA PRO C 141 -7.23 11.86 -47.61
C PRO C 141 -7.66 12.30 -46.22
N ARG C 142 -6.66 12.53 -45.36
CA ARG C 142 -6.92 12.88 -43.97
C ARG C 142 -7.63 14.23 -43.83
N GLU C 143 -7.35 15.16 -44.74
CA GLU C 143 -7.92 16.49 -44.63
C GLU C 143 -9.44 16.44 -44.84
N ALA C 144 -10.19 16.89 -43.83
CA ALA C 144 -11.63 16.94 -43.90
C ALA C 144 -12.11 18.14 -43.10
N LYS C 145 -13.32 18.58 -43.40
CA LYS C 145 -13.91 19.75 -42.76
C LYS C 145 -15.26 19.39 -42.17
N VAL C 146 -15.37 19.45 -40.86
CA VAL C 146 -16.62 19.18 -40.14
C VAL C 146 -17.05 20.47 -39.47
N GLN C 147 -18.22 20.97 -39.85
CA GLN C 147 -18.77 22.19 -39.28
C GLN C 147 -20.14 21.89 -38.67
N TRP C 148 -20.30 22.22 -37.39
CA TRP C 148 -21.57 22.00 -36.71
C TRP C 148 -22.52 23.15 -36.98
N LYS C 149 -23.81 22.82 -37.04
CA LYS C 149 -24.86 23.82 -37.17
C LYS C 149 -25.98 23.44 -36.22
N VAL C 150 -26.33 24.35 -35.32
CA VAL C 150 -27.38 24.15 -34.34
C VAL C 150 -28.49 25.13 -34.69
N ASP C 151 -29.63 24.61 -35.12
CA ASP C 151 -30.73 25.43 -35.64
C ASP C 151 -30.21 26.32 -36.78
N ASN C 152 -29.40 25.73 -37.66
CA ASN C 152 -28.75 26.37 -38.80
C ASN C 152 -27.74 27.44 -38.39
N ALA C 153 -27.39 27.54 -37.11
CA ALA C 153 -26.38 28.49 -36.66
C ALA C 153 -25.02 27.78 -36.59
N LEU C 154 -24.06 28.29 -37.35
CA LEU C 154 -22.74 27.69 -37.44
C LEU C 154 -22.01 27.88 -36.11
N GLN C 155 -21.83 26.79 -35.37
CA GLN C 155 -21.09 26.83 -34.12
C GLN C 155 -19.60 26.91 -34.39
N SER C 156 -18.85 27.34 -33.38
CA SER C 156 -17.41 27.49 -33.51
C SER C 156 -16.80 27.61 -32.13
N GLY C 157 -15.70 26.88 -31.91
CA GLY C 157 -14.93 27.00 -30.70
C GLY C 157 -15.41 26.16 -29.53
N ASN C 158 -16.47 25.36 -29.71
CA ASN C 158 -17.01 24.52 -28.66
C ASN C 158 -17.06 23.05 -29.07
N SER C 159 -16.26 22.65 -30.05
CA SER C 159 -16.24 21.28 -30.55
C SER C 159 -14.79 20.82 -30.67
N GLN C 160 -14.58 19.52 -30.49
CA GLN C 160 -13.27 18.91 -30.61
C GLN C 160 -13.32 17.77 -31.60
N GLU C 161 -12.17 17.48 -32.21
CA GLU C 161 -12.06 16.37 -33.13
C GLU C 161 -10.70 15.69 -32.95
N SER C 162 -10.67 14.38 -33.20
CA SER C 162 -9.44 13.61 -33.21
C SER C 162 -9.49 12.64 -34.38
N VAL C 163 -8.32 12.37 -34.96
CA VAL C 163 -8.20 11.51 -36.12
C VAL C 163 -7.40 10.28 -35.72
N THR C 164 -7.84 9.11 -36.19
CA THR C 164 -7.06 7.91 -36.04
C THR C 164 -5.87 7.91 -37.00
N GLU C 165 -5.02 6.91 -36.87
CA GLU C 165 -3.97 6.69 -37.85
C GLU C 165 -4.48 5.77 -38.96
N GLN C 166 -3.66 5.63 -40.00
CA GLN C 166 -4.07 4.84 -41.15
C GLN C 166 -4.30 3.38 -40.74
N ASP C 167 -5.42 2.84 -41.19
CA ASP C 167 -5.73 1.43 -40.94
C ASP C 167 -4.68 0.54 -41.61
N SER C 168 -4.18 -0.44 -40.87
CA SER C 168 -3.15 -1.32 -41.39
C SER C 168 -3.60 -2.10 -42.62
N LYS C 169 -4.90 -2.15 -42.91
CA LYS C 169 -5.42 -2.91 -44.04
C LYS C 169 -5.84 -2.02 -45.21
N ASP C 170 -6.70 -1.02 -44.97
CA ASP C 170 -7.21 -0.19 -46.06
C ASP C 170 -6.62 1.21 -46.09
N SER C 171 -5.76 1.55 -45.13
CA SER C 171 -4.99 2.81 -45.16
C SER C 171 -5.89 4.04 -45.15
N THR C 172 -7.08 3.92 -44.57
CA THR C 172 -7.99 5.04 -44.45
C THR C 172 -7.90 5.69 -43.08
N TYR C 173 -8.51 6.86 -42.95
CA TYR C 173 -8.60 7.57 -41.69
C TYR C 173 -10.04 7.55 -41.18
N SER C 174 -10.17 7.78 -39.89
CA SER C 174 -11.47 7.98 -39.26
C SER C 174 -11.37 9.17 -38.32
N LEU C 175 -12.45 9.93 -38.24
CA LEU C 175 -12.46 11.16 -37.47
C LEU C 175 -13.74 11.23 -36.65
N SER C 176 -13.61 11.64 -35.40
CA SER C 176 -14.75 11.87 -34.52
C SER C 176 -14.74 13.32 -34.08
N SER C 177 -15.84 14.03 -34.32
CA SER C 177 -16.00 15.40 -33.89
C SER C 177 -17.09 15.45 -32.82
N THR C 178 -16.70 15.87 -31.63
CA THR C 178 -17.59 15.84 -30.46
C THR C 178 -17.94 17.26 -30.06
N LEU C 179 -19.22 17.60 -30.15
CA LEU C 179 -19.73 18.89 -29.70
C LEU C 179 -20.34 18.72 -28.33
N THR C 180 -19.76 19.37 -27.33
CA THR C 180 -20.20 19.25 -25.94
C THR C 180 -20.76 20.59 -25.47
N LEU C 181 -21.96 20.54 -24.90
CA LEU C 181 -22.61 21.71 -24.32
C LEU C 181 -23.19 21.35 -22.97
N SER C 182 -23.49 22.37 -22.18
CA SER C 182 -24.23 22.17 -20.94
C SER C 182 -25.66 21.76 -21.27
N LYS C 183 -26.26 20.99 -20.36
CA LYS C 183 -27.63 20.54 -20.58
C LYS C 183 -28.59 21.72 -20.69
N ALA C 184 -28.26 22.85 -20.07
CA ALA C 184 -29.08 24.05 -20.21
C ALA C 184 -29.09 24.54 -21.66
N ASP C 185 -27.90 24.74 -22.23
CA ASP C 185 -27.81 25.19 -23.63
C ASP C 185 -28.42 24.16 -24.57
N TYR C 186 -28.31 22.87 -24.24
CA TYR C 186 -28.83 21.83 -25.10
C TYR C 186 -30.35 21.86 -25.17
N GLU C 187 -31.01 22.18 -24.05
CA GLU C 187 -32.47 22.20 -24.04
C GLU C 187 -33.04 23.38 -24.81
N LYS C 188 -32.27 24.46 -25.01
CA LYS C 188 -32.77 25.67 -25.64
C LYS C 188 -32.73 25.57 -27.17
N HIS C 189 -32.39 24.41 -27.72
CA HIS C 189 -32.32 24.23 -29.16
C HIS C 189 -32.98 22.91 -29.53
N LYS C 190 -33.40 22.82 -30.79
CA LYS C 190 -34.06 21.62 -31.30
C LYS C 190 -33.16 20.85 -32.26
N LEU C 191 -32.78 21.44 -33.38
CA LEU C 191 -32.06 20.73 -34.43
C LEU C 191 -30.55 20.85 -34.25
N TYR C 192 -29.85 19.74 -34.48
CA TYR C 192 -28.39 19.69 -34.37
C TYR C 192 -27.85 19.01 -35.62
N ALA C 193 -27.03 19.72 -36.39
CA ALA C 193 -26.57 19.25 -37.70
C ALA C 193 -25.05 19.12 -37.73
N CYS C 194 -24.59 18.19 -38.57
CA CYS C 194 -23.17 17.93 -38.79
C CYS C 194 -22.88 17.98 -40.28
N GLU C 195 -22.13 18.98 -40.73
CA GLU C 195 -21.82 19.18 -42.14
C GLU C 195 -20.40 18.68 -42.44
N VAL C 196 -20.29 17.75 -43.38
CA VAL C 196 -19.01 17.13 -43.74
C VAL C 196 -18.62 17.54 -45.16
N THR C 197 -17.40 18.03 -45.32
CA THR C 197 -16.84 18.39 -46.63
C THR C 197 -15.59 17.56 -46.87
N HIS C 198 -15.49 16.93 -48.04
CA HIS C 198 -14.38 16.05 -48.32
C HIS C 198 -14.17 15.95 -49.82
N GLN C 199 -12.93 15.59 -50.21
CA GLN C 199 -12.60 15.44 -51.62
C GLN C 199 -13.39 14.32 -52.28
N GLY C 200 -13.71 13.26 -51.52
CA GLY C 200 -14.50 12.17 -52.04
C GLY C 200 -15.97 12.46 -52.20
N LEU C 201 -16.42 13.65 -51.85
CA LEU C 201 -17.82 14.03 -51.93
C LEU C 201 -18.02 15.07 -53.01
N SER C 202 -19.00 14.82 -53.89
CA SER C 202 -19.33 15.81 -54.91
C SER C 202 -19.97 17.05 -54.28
N SER C 203 -20.73 16.87 -53.21
CA SER C 203 -21.37 17.96 -52.48
C SER C 203 -21.33 17.63 -50.99
N PRO C 204 -21.34 18.65 -50.13
CA PRO C 204 -21.29 18.39 -48.69
C PRO C 204 -22.45 17.51 -48.22
N VAL C 205 -22.16 16.65 -47.24
CA VAL C 205 -23.12 15.71 -46.68
C VAL C 205 -23.42 16.14 -45.25
N THR C 206 -24.70 16.13 -44.88
CA THR C 206 -25.15 16.61 -43.59
C THR C 206 -26.02 15.57 -42.89
N LYS C 207 -25.63 15.19 -41.68
CA LYS C 207 -26.43 14.35 -40.80
C LYS C 207 -26.91 15.17 -39.62
N SER C 208 -28.20 15.05 -39.29
CA SER C 208 -28.77 15.89 -38.25
C SER C 208 -29.91 15.14 -37.55
N PHE C 209 -30.14 15.52 -36.30
CA PHE C 209 -31.24 15.01 -35.48
C PHE C 209 -31.84 16.19 -34.71
N ASN C 210 -33.02 15.98 -34.11
CA ASN C 210 -33.84 17.11 -33.70
C ASN C 210 -34.41 17.09 -32.29
N ARG C 211 -34.32 15.99 -31.53
CA ARG C 211 -34.89 15.98 -30.18
C ARG C 211 -33.84 16.46 -29.19
N GLY C 212 -33.94 17.73 -28.79
CA GLY C 212 -32.98 18.31 -27.87
C GLY C 212 -33.52 19.48 -27.06
N GLN D 1 7.77 -18.36 -25.43
CA GLN D 1 8.30 -17.07 -25.87
C GLN D 1 8.56 -16.15 -24.68
N VAL D 2 9.55 -15.27 -24.84
CA VAL D 2 9.93 -14.34 -23.77
C VAL D 2 9.08 -13.08 -23.88
N GLN D 3 8.50 -12.66 -22.76
CA GLN D 3 7.65 -11.48 -22.71
C GLN D 3 8.17 -10.53 -21.64
N LEU D 4 7.88 -9.24 -21.83
CA LEU D 4 8.22 -8.21 -20.86
C LEU D 4 6.97 -7.39 -20.57
N GLN D 5 6.50 -7.45 -19.33
CA GLN D 5 5.39 -6.61 -18.87
C GLN D 5 5.89 -5.60 -17.86
N GLU D 6 5.29 -4.42 -17.88
CA GLU D 6 5.72 -3.31 -17.04
C GLU D 6 4.55 -2.84 -16.18
N SER D 7 4.90 -2.17 -15.09
CA SER D 7 3.91 -1.73 -14.11
C SER D 7 4.55 -0.64 -13.27
N GLY D 8 3.75 -0.08 -12.37
CA GLY D 8 4.16 1.07 -11.59
C GLY D 8 3.17 2.21 -11.73
N PRO D 9 3.32 3.24 -10.91
CA PRO D 9 2.34 4.32 -10.92
C PRO D 9 2.44 5.16 -12.19
N GLY D 10 1.29 5.51 -12.74
CA GLY D 10 1.25 6.30 -13.95
C GLY D 10 1.01 7.77 -13.64
N LEU D 11 1.31 8.16 -12.40
CA LEU D 11 1.21 9.56 -11.98
C LEU D 11 2.11 9.74 -10.77
N VAL D 12 3.14 10.56 -10.91
CA VAL D 12 4.00 10.95 -9.80
C VAL D 12 3.96 12.47 -9.67
N LYS D 13 4.01 12.95 -8.43
CA LYS D 13 4.07 14.39 -8.21
C LYS D 13 5.50 14.89 -8.39
N PRO D 14 5.66 16.15 -8.79
CA PRO D 14 7.01 16.67 -9.05
C PRO D 14 7.91 16.56 -7.83
N SER D 15 9.23 16.49 -8.10
CA SER D 15 10.26 16.39 -7.07
C SER D 15 10.13 15.11 -6.24
N GLU D 16 9.56 14.06 -6.83
CA GLU D 16 9.45 12.75 -6.19
C GLU D 16 10.10 11.71 -7.09
N THR D 17 10.22 10.49 -6.60
CA THR D 17 10.93 9.44 -7.30
C THR D 17 9.98 8.55 -8.09
N LEU D 18 10.46 8.07 -9.24
CA LEU D 18 9.73 7.14 -10.09
C LEU D 18 10.12 5.72 -9.78
N SER D 19 9.12 4.86 -9.58
CA SER D 19 9.33 3.43 -9.38
C SER D 19 8.70 2.68 -10.55
N LEU D 20 9.51 1.92 -11.27
CA LEU D 20 9.03 1.06 -12.35
C LEU D 20 9.71 -0.28 -12.23
N THR D 21 8.95 -1.35 -12.47
CA THR D 21 9.47 -2.71 -12.41
C THR D 21 9.01 -3.46 -13.64
N CYS D 22 9.96 -4.06 -14.36
CA CYS D 22 9.70 -4.86 -15.54
C CYS D 22 9.87 -6.33 -15.17
N THR D 23 8.84 -7.13 -15.43
CA THR D 23 8.84 -8.54 -15.08
C THR D 23 9.08 -9.35 -16.35
N VAL D 24 10.08 -10.23 -16.30
CA VAL D 24 10.45 -11.08 -17.42
C VAL D 24 9.78 -12.44 -17.23
N SER D 25 8.95 -12.83 -18.19
CA SER D 25 8.31 -14.14 -18.19
C SER D 25 8.76 -14.91 -19.42
N GLY D 26 8.72 -16.24 -19.32
CA GLY D 26 9.20 -17.09 -20.40
C GLY D 26 10.71 -17.10 -20.53
N GLY D 27 11.42 -16.71 -19.49
CA GLY D 27 12.88 -16.68 -19.54
C GLY D 27 13.41 -16.24 -18.19
N SER D 28 14.74 -16.18 -18.10
CA SER D 28 15.41 -15.77 -16.89
C SER D 28 16.14 -14.45 -17.12
N VAL D 29 16.22 -13.66 -16.05
CA VAL D 29 16.98 -12.41 -16.06
C VAL D 29 18.44 -12.72 -15.79
N SER D 30 18.78 -14.00 -15.71
CA SER D 30 20.13 -14.44 -15.36
C SER D 30 20.74 -15.09 -16.59
N SER D 31 21.34 -14.25 -17.43
CA SER D 31 22.12 -14.71 -18.57
C SER D 31 23.22 -13.68 -18.81
N GLY D 32 24.32 -14.14 -19.41
CA GLY D 32 25.45 -13.26 -19.59
C GLY D 32 25.46 -12.61 -20.96
N SER D 33 24.33 -12.63 -21.66
CA SER D 33 24.21 -12.03 -22.99
C SER D 33 23.38 -10.77 -23.01
N TYR D 34 22.35 -10.66 -22.19
CA TYR D 34 21.36 -9.61 -22.31
C TYR D 34 21.74 -8.39 -21.49
N TYR D 35 21.30 -7.23 -21.95
CA TYR D 35 21.61 -5.93 -21.36
C TYR D 35 20.29 -5.25 -20.99
N TRP D 36 19.64 -5.75 -19.94
CA TRP D 36 18.35 -5.19 -19.50
C TRP D 36 18.46 -3.69 -19.29
N SER D 37 17.59 -2.95 -19.99
CA SER D 37 17.73 -1.51 -20.11
C SER D 37 16.36 -0.86 -20.12
N TRP D 38 16.35 0.47 -20.04
CA TRP D 38 15.14 1.26 -20.03
C TRP D 38 15.23 2.34 -21.11
N ILE D 39 14.13 2.53 -21.83
CA ILE D 39 14.05 3.51 -22.91
C ILE D 39 12.71 4.24 -22.77
N ARG D 40 12.76 5.56 -22.79
CA ARG D 40 11.56 6.36 -22.63
C ARG D 40 11.27 7.15 -23.90
N GLN D 41 10.00 7.51 -24.07
CA GLN D 41 9.55 8.21 -25.27
C GLN D 41 8.49 9.24 -24.90
N PRO D 42 8.81 10.53 -24.90
CA PRO D 42 7.79 11.54 -24.71
C PRO D 42 6.77 11.48 -25.81
N PRO D 43 5.52 11.88 -25.54
CA PRO D 43 4.48 11.78 -26.56
C PRO D 43 4.80 12.65 -27.76
N GLY D 44 4.68 12.08 -28.96
CA GLY D 44 4.97 12.78 -30.19
C GLY D 44 6.44 13.03 -30.46
N LYS D 45 7.34 12.62 -29.58
CA LYS D 45 8.77 12.81 -29.77
C LYS D 45 9.42 11.46 -30.03
N GLY D 46 10.75 11.44 -30.03
CA GLY D 46 11.51 10.25 -30.36
C GLY D 46 11.86 9.42 -29.14
N LEU D 47 12.80 8.49 -29.36
CA LEU D 47 13.23 7.56 -28.32
C LEU D 47 14.48 8.09 -27.62
N GLU D 48 14.51 7.92 -26.29
CA GLU D 48 15.66 8.29 -25.48
C GLU D 48 16.07 7.10 -24.63
N TRP D 49 17.36 6.76 -24.68
CA TRP D 49 17.90 5.64 -23.91
C TRP D 49 18.25 6.14 -22.51
N ILE D 50 17.81 5.42 -21.49
CA ILE D 50 18.02 5.82 -20.10
C ILE D 50 19.33 5.22 -19.59
N GLY D 51 19.37 3.90 -19.52
CA GLY D 51 20.55 3.19 -19.03
C GLY D 51 20.31 1.70 -19.09
N TYR D 52 21.30 0.95 -18.63
CA TYR D 52 21.19 -0.50 -18.61
C TYR D 52 21.88 -1.04 -17.38
N ILE D 53 21.53 -2.26 -17.01
CA ILE D 53 22.22 -3.03 -15.99
C ILE D 53 22.49 -4.41 -16.57
N TYR D 54 23.62 -5.00 -16.22
CA TYR D 54 24.03 -6.29 -16.75
C TYR D 54 24.26 -7.25 -15.58
N TYR D 55 24.46 -8.52 -15.95
CA TYR D 55 24.66 -9.64 -15.01
C TYR D 55 25.61 -9.28 -13.87
N SER D 56 26.69 -8.57 -14.18
CA SER D 56 27.67 -8.24 -13.16
C SER D 56 27.15 -7.21 -12.17
N GLY D 57 26.22 -6.36 -12.60
CA GLY D 57 25.79 -5.22 -11.82
C GLY D 57 26.35 -3.89 -12.26
N SER D 58 27.13 -3.87 -13.34
CA SER D 58 27.62 -2.61 -13.89
C SER D 58 26.49 -1.88 -14.60
N THR D 59 26.56 -0.55 -14.57
CA THR D 59 25.49 0.29 -15.09
C THR D 59 26.09 1.48 -15.82
N ASN D 60 25.57 1.76 -17.01
CA ASN D 60 25.86 2.99 -17.73
C ASN D 60 24.58 3.80 -17.85
N TYR D 61 24.67 5.09 -17.56
CA TYR D 61 23.51 5.96 -17.56
C TYR D 61 23.70 7.07 -18.59
N ASN D 62 22.59 7.51 -19.15
CA ASN D 62 22.60 8.67 -20.03
C ASN D 62 23.15 9.86 -19.26
N PRO D 63 24.03 10.67 -19.86
CA PRO D 63 24.63 11.79 -19.12
C PRO D 63 23.62 12.71 -18.45
N SER D 64 22.59 13.15 -19.17
CA SER D 64 21.59 14.04 -18.58
C SER D 64 20.84 13.35 -17.44
N LEU D 65 20.75 12.01 -17.46
CA LEU D 65 20.02 11.25 -16.46
C LEU D 65 20.90 10.68 -15.37
N LYS D 66 22.22 10.88 -15.44
CA LYS D 66 23.09 10.49 -14.33
C LYS D 66 22.67 11.20 -13.05
N SER D 67 23.01 10.58 -11.91
CA SER D 67 22.76 11.11 -10.57
C SER D 67 21.28 11.11 -10.23
N ARG D 68 20.42 10.92 -11.23
CA ARG D 68 18.99 10.79 -11.01
C ARG D 68 18.47 9.39 -11.30
N VAL D 69 19.28 8.53 -11.91
CA VAL D 69 18.84 7.21 -12.36
C VAL D 69 19.54 6.15 -11.52
N THR D 70 18.79 5.11 -11.17
CA THR D 70 19.32 3.94 -10.48
C THR D 70 18.52 2.73 -10.92
N ILE D 71 19.20 1.74 -11.50
CA ILE D 71 18.56 0.55 -12.02
C ILE D 71 19.14 -0.67 -11.32
N SER D 72 18.27 -1.65 -11.04
CA SER D 72 18.64 -2.82 -10.24
C SER D 72 17.92 -4.06 -10.78
N VAL D 73 18.33 -5.23 -10.26
CA VAL D 73 17.80 -6.52 -10.68
C VAL D 73 17.44 -7.34 -9.45
N ASP D 74 16.33 -8.08 -9.54
CA ASP D 74 15.92 -9.03 -8.50
C ASP D 74 15.82 -10.41 -9.14
N THR D 75 16.86 -11.23 -8.96
CA THR D 75 16.88 -12.54 -9.60
C THR D 75 15.86 -13.49 -9.02
N SER D 76 15.53 -13.35 -7.73
CA SER D 76 14.56 -14.24 -7.12
C SER D 76 13.14 -13.96 -7.58
N LYS D 77 12.89 -12.79 -8.16
CA LYS D 77 11.58 -12.47 -8.72
C LYS D 77 11.58 -12.37 -10.24
N ASN D 78 12.73 -12.55 -10.89
CA ASN D 78 12.86 -12.38 -12.34
C ASN D 78 12.41 -10.99 -12.78
N GLN D 79 12.95 -9.98 -12.12
CA GLN D 79 12.55 -8.60 -12.35
C GLN D 79 13.79 -7.71 -12.41
N PHE D 80 13.63 -6.57 -13.07
CA PHE D 80 14.58 -5.47 -12.97
C PHE D 80 13.79 -4.17 -12.95
N SER D 81 14.21 -3.25 -12.08
CA SER D 81 13.45 -2.05 -11.79
C SER D 81 14.26 -0.80 -12.13
N LEU D 82 13.54 0.31 -12.25
CA LEU D 82 14.13 1.62 -12.55
C LEU D 82 13.68 2.62 -11.51
N LYS D 83 14.60 3.50 -11.11
CA LYS D 83 14.33 4.57 -10.16
C LYS D 83 14.84 5.88 -10.73
N LEU D 84 13.96 6.88 -10.79
CA LEU D 84 14.29 8.21 -11.28
C LEU D 84 13.80 9.23 -10.25
N SER D 85 14.74 9.97 -9.66
CA SER D 85 14.43 10.88 -8.56
C SER D 85 14.35 12.32 -9.04
N SER D 86 13.77 13.17 -8.19
CA SER D 86 13.54 14.60 -8.47
C SER D 86 12.98 14.80 -9.88
N VAL D 87 11.78 14.28 -10.08
CA VAL D 87 11.16 14.24 -11.41
C VAL D 87 10.46 15.56 -11.69
N THR D 88 10.62 16.07 -12.91
CA THR D 88 9.96 17.27 -13.39
C THR D 88 8.92 16.91 -14.45
N ALA D 89 8.24 17.93 -14.96
CA ALA D 89 7.24 17.70 -16.00
C ALA D 89 7.88 17.21 -17.29
N ALA D 90 9.14 17.56 -17.53
CA ALA D 90 9.85 17.15 -18.73
C ALA D 90 10.29 15.69 -18.69
N ASP D 91 9.93 14.96 -17.65
CA ASP D 91 10.17 13.52 -17.58
C ASP D 91 8.91 12.71 -17.87
N THR D 92 7.79 13.38 -18.13
CA THR D 92 6.56 12.70 -18.53
C THR D 92 6.78 12.03 -19.88
N ALA D 93 6.67 10.72 -19.92
CA ALA D 93 6.92 9.97 -21.14
C ALA D 93 6.42 8.54 -20.96
N VAL D 94 6.31 7.84 -22.07
CA VAL D 94 6.10 6.40 -22.04
C VAL D 94 7.45 5.72 -21.83
N TYR D 95 7.53 4.87 -20.82
CA TYR D 95 8.76 4.17 -20.49
C TYR D 95 8.66 2.72 -20.96
N TYR D 96 9.68 2.27 -21.68
CA TYR D 96 9.78 0.91 -22.17
C TYR D 96 10.93 0.20 -21.48
N CYS D 97 10.70 -1.05 -21.07
CA CYS D 97 11.77 -1.94 -20.69
C CYS D 97 12.08 -2.87 -21.85
N ALA D 98 13.37 -3.08 -22.11
CA ALA D 98 13.80 -3.93 -23.19
C ALA D 98 15.13 -4.57 -22.84
N ARG D 99 15.39 -5.72 -23.45
CA ARG D 99 16.67 -6.39 -23.30
C ARG D 99 17.49 -6.21 -24.57
N GLU D 100 18.73 -5.77 -24.39
CA GLU D 100 19.69 -5.70 -25.49
C GLU D 100 20.47 -7.02 -25.48
N GLY D 101 20.24 -7.85 -26.48
CA GLY D 101 20.72 -9.23 -26.44
C GLY D 101 21.45 -9.64 -27.68
N LYS D 102 22.53 -10.39 -27.48
CA LYS D 102 23.31 -11.05 -28.54
C LYS D 102 23.72 -10.00 -29.57
N ASN D 103 23.55 -10.24 -30.86
CA ASN D 103 23.94 -9.27 -31.87
C ASN D 103 23.07 -8.02 -31.77
N GLY D 104 23.68 -6.88 -32.07
CA GLY D 104 22.96 -5.62 -32.08
C GLY D 104 22.38 -5.28 -30.72
N ALA D 105 21.06 -5.10 -30.66
CA ALA D 105 20.42 -4.62 -29.45
C ALA D 105 18.90 -4.75 -29.57
N PHE D 106 18.25 -4.77 -28.41
CA PHE D 106 16.81 -4.55 -28.24
C PHE D 106 15.98 -5.46 -29.14
N ASP D 107 16.16 -6.76 -28.94
CA ASP D 107 15.36 -7.73 -29.68
C ASP D 107 13.95 -7.85 -29.12
N ILE D 108 13.74 -7.57 -27.84
CA ILE D 108 12.44 -7.73 -27.19
C ILE D 108 12.13 -6.49 -26.37
N TRP D 109 10.95 -5.92 -26.57
CA TRP D 109 10.48 -4.76 -25.84
C TRP D 109 9.28 -5.13 -24.98
N GLY D 110 8.93 -4.22 -24.07
CA GLY D 110 7.75 -4.36 -23.25
C GLY D 110 6.54 -3.66 -23.87
N GLN D 111 5.43 -3.74 -23.15
CA GLN D 111 4.21 -3.09 -23.62
C GLN D 111 4.29 -1.58 -23.54
N GLY D 112 5.13 -1.03 -22.67
CA GLY D 112 5.19 0.39 -22.46
C GLY D 112 4.17 0.87 -21.43
N THR D 113 4.61 1.74 -20.53
CA THR D 113 3.75 2.32 -19.52
C THR D 113 4.00 3.82 -19.47
N MET D 114 2.92 4.61 -19.50
CA MET D 114 3.02 6.05 -19.48
C MET D 114 3.06 6.56 -18.05
N VAL D 115 3.98 7.50 -17.79
CA VAL D 115 4.12 8.13 -16.50
C VAL D 115 3.88 9.62 -16.70
N THR D 116 2.79 10.13 -16.15
CA THR D 116 2.46 11.54 -16.21
C THR D 116 2.88 12.21 -14.91
N VAL D 117 3.63 13.31 -15.02
CA VAL D 117 4.16 14.03 -13.87
C VAL D 117 3.30 15.28 -13.68
N SER D 118 2.39 15.23 -12.71
CA SER D 118 1.46 16.33 -12.49
C SER D 118 1.18 16.48 -11.00
N SER D 119 1.00 17.73 -10.57
CA SER D 119 0.54 18.00 -9.20
C SER D 119 -0.93 17.69 -9.00
N ALA D 120 -1.71 17.64 -10.08
CA ALA D 120 -3.14 17.38 -9.97
C ALA D 120 -3.41 15.94 -9.54
N SER D 121 -4.61 15.71 -9.01
CA SER D 121 -4.99 14.39 -8.54
C SER D 121 -5.65 13.59 -9.65
N THR D 122 -5.74 12.28 -9.44
CA THR D 122 -6.29 11.37 -10.44
C THR D 122 -7.81 11.45 -10.46
N LYS D 123 -8.39 11.65 -11.65
CA LYS D 123 -9.83 11.65 -11.84
C LYS D 123 -10.23 10.53 -12.78
N GLY D 124 -11.15 9.69 -12.35
CA GLY D 124 -11.64 8.60 -13.17
C GLY D 124 -12.63 9.07 -14.21
N PRO D 125 -12.84 8.25 -15.24
CA PRO D 125 -13.69 8.66 -16.35
C PRO D 125 -15.16 8.32 -16.13
N SER D 126 -16.00 8.99 -16.90
CA SER D 126 -17.41 8.69 -17.00
C SER D 126 -17.68 8.05 -18.36
N VAL D 127 -18.30 6.88 -18.36
CA VAL D 127 -18.52 6.11 -19.58
C VAL D 127 -19.98 6.26 -19.98
N PHE D 128 -20.21 6.89 -21.14
CA PHE D 128 -21.54 7.07 -21.68
C PHE D 128 -21.71 6.31 -22.99
N PRO D 129 -22.89 5.76 -23.26
CA PRO D 129 -23.07 4.99 -24.49
C PRO D 129 -23.37 5.87 -25.69
N LEU D 130 -22.87 5.43 -26.84
CA LEU D 130 -23.15 6.05 -28.14
C LEU D 130 -24.11 5.12 -28.87
N ALA D 131 -25.42 5.33 -28.65
CA ALA D 131 -26.45 4.41 -29.08
C ALA D 131 -26.74 4.56 -30.57
N PRO D 132 -26.83 3.45 -31.30
CA PRO D 132 -27.15 3.49 -32.72
C PRO D 132 -28.64 3.70 -32.96
N SER D 133 -28.94 4.34 -34.09
CA SER D 133 -30.32 4.64 -34.47
C SER D 133 -30.40 4.69 -35.98
N SER D 134 -31.52 5.21 -36.49
CA SER D 134 -31.70 5.35 -37.93
C SER D 134 -30.69 6.33 -38.51
N LYS D 135 -30.47 7.45 -37.82
CA LYS D 135 -29.49 8.43 -38.24
C LYS D 135 -28.06 7.95 -37.99
N SER D 136 -27.88 6.82 -37.29
CA SER D 136 -26.58 6.22 -37.05
C SER D 136 -26.34 5.01 -37.93
N THR D 137 -27.10 4.86 -39.01
CA THR D 137 -26.84 3.84 -40.03
C THR D 137 -26.85 4.52 -41.40
N SER D 138 -25.92 4.11 -42.26
CA SER D 138 -25.75 4.67 -43.60
C SER D 138 -25.59 3.50 -44.57
N GLY D 139 -26.72 2.90 -44.93
CA GLY D 139 -26.72 1.77 -45.85
C GLY D 139 -26.92 0.45 -45.12
N GLY D 140 -26.09 -0.54 -45.45
CA GLY D 140 -26.24 -1.87 -44.87
C GLY D 140 -25.80 -1.97 -43.42
N THR D 141 -24.86 -1.13 -43.00
CA THR D 141 -24.25 -1.23 -41.69
C THR D 141 -24.58 -0.03 -40.82
N ALA D 142 -24.49 -0.24 -39.50
CA ALA D 142 -24.75 0.81 -38.52
C ALA D 142 -23.57 0.90 -37.56
N ALA D 143 -23.42 2.06 -36.94
CA ALA D 143 -22.29 2.35 -36.08
C ALA D 143 -22.74 2.56 -34.64
N LEU D 144 -21.92 2.11 -33.69
CA LEU D 144 -22.18 2.31 -32.27
C LEU D 144 -20.84 2.46 -31.57
N GLY D 145 -20.89 2.88 -30.31
CA GLY D 145 -19.66 3.06 -29.58
C GLY D 145 -19.88 3.53 -28.16
N CYS D 146 -18.77 3.95 -27.53
CA CYS D 146 -18.72 4.34 -26.13
C CYS D 146 -17.96 5.65 -26.01
N LEU D 147 -18.49 6.56 -25.19
CA LEU D 147 -17.86 7.85 -24.93
C LEU D 147 -17.22 7.82 -23.54
N VAL D 148 -15.90 7.96 -23.49
CA VAL D 148 -15.14 7.94 -22.25
C VAL D 148 -14.67 9.37 -21.99
N LYS D 149 -15.28 10.03 -21.01
CA LYS D 149 -15.16 11.47 -20.83
C LYS D 149 -14.62 11.82 -19.44
N ASP D 150 -13.80 12.88 -19.40
CA ASP D 150 -13.37 13.52 -18.14
C ASP D 150 -12.55 12.56 -17.28
N TYR D 151 -11.33 12.32 -17.73
CA TYR D 151 -10.39 11.48 -16.98
C TYR D 151 -9.00 12.08 -17.05
N PHE D 152 -8.16 11.66 -16.10
CA PHE D 152 -6.78 12.11 -16.01
C PHE D 152 -6.02 11.23 -15.02
N PRO D 153 -4.79 10.80 -15.33
CA PRO D 153 -4.09 11.08 -16.59
C PRO D 153 -4.30 9.98 -17.62
N GLU D 154 -3.46 9.98 -18.65
CA GLU D 154 -3.46 8.89 -19.61
C GLU D 154 -2.75 7.68 -19.03
N PRO D 155 -3.04 6.47 -19.54
CA PRO D 155 -3.99 6.15 -20.60
C PRO D 155 -5.23 5.39 -20.13
N VAL D 156 -6.21 5.27 -21.02
CA VAL D 156 -7.32 4.35 -20.84
C VAL D 156 -7.24 3.27 -21.91
N THR D 157 -7.90 2.15 -21.66
CA THR D 157 -7.94 1.04 -22.59
C THR D 157 -9.38 0.59 -22.77
N VAL D 158 -9.81 0.48 -24.02
CA VAL D 158 -11.17 0.10 -24.37
C VAL D 158 -11.13 -1.20 -25.16
N SER D 159 -11.98 -2.16 -24.78
CA SER D 159 -12.12 -3.41 -25.50
C SER D 159 -13.60 -3.73 -25.60
N TRP D 160 -14.00 -4.32 -26.73
CA TRP D 160 -15.41 -4.62 -26.99
C TRP D 160 -15.66 -6.11 -26.78
N ASN D 161 -16.56 -6.42 -25.84
CA ASN D 161 -16.93 -7.79 -25.50
C ASN D 161 -15.71 -8.61 -25.09
N SER D 162 -14.96 -8.06 -24.13
CA SER D 162 -13.78 -8.72 -23.56
C SER D 162 -12.82 -9.22 -24.63
N GLY D 163 -12.66 -8.43 -25.70
CA GLY D 163 -11.73 -8.74 -26.76
C GLY D 163 -12.28 -9.63 -27.86
N ALA D 164 -13.50 -10.15 -27.71
CA ALA D 164 -14.07 -11.00 -28.75
C ALA D 164 -14.31 -10.21 -30.03
N LEU D 165 -14.54 -8.91 -29.93
CA LEU D 165 -14.83 -8.06 -31.07
C LEU D 165 -13.60 -7.20 -31.37
N THR D 166 -13.09 -7.30 -32.59
CA THR D 166 -11.96 -6.50 -33.03
C THR D 166 -12.11 -5.91 -34.42
N SER D 167 -12.76 -6.60 -35.35
CA SER D 167 -12.90 -6.08 -36.71
C SER D 167 -13.89 -4.91 -36.73
N GLY D 168 -13.44 -3.78 -37.26
CA GLY D 168 -14.27 -2.61 -37.36
C GLY D 168 -14.22 -1.68 -36.17
N VAL D 169 -13.33 -1.92 -35.22
CA VAL D 169 -13.21 -1.10 -34.02
C VAL D 169 -12.23 0.03 -34.27
N HIS D 170 -12.60 1.23 -33.85
CA HIS D 170 -11.76 2.42 -33.98
C HIS D 170 -11.79 3.15 -32.64
N THR D 171 -10.66 3.14 -31.93
CA THR D 171 -10.51 3.89 -30.69
C THR D 171 -9.69 5.13 -30.98
N PHE D 172 -10.29 6.29 -30.75
CA PHE D 172 -9.67 7.54 -31.15
C PHE D 172 -8.64 8.00 -30.13
N PRO D 173 -7.61 8.73 -30.57
CA PRO D 173 -6.67 9.31 -29.61
C PRO D 173 -7.38 10.31 -28.71
N ALA D 174 -6.96 10.34 -27.45
CA ALA D 174 -7.55 11.25 -26.50
C ALA D 174 -7.20 12.70 -26.85
N VAL D 175 -8.04 13.62 -26.38
CA VAL D 175 -7.85 15.04 -26.62
C VAL D 175 -8.00 15.79 -25.31
N LEU D 176 -7.22 16.86 -25.16
CA LEU D 176 -7.37 17.76 -24.02
C LEU D 176 -8.65 18.56 -24.15
N GLN D 177 -9.53 18.42 -23.17
CA GLN D 177 -10.72 19.25 -23.12
C GLN D 177 -10.34 20.69 -22.76
N SER D 178 -11.27 21.61 -23.03
CA SER D 178 -11.05 23.01 -22.71
C SER D 178 -10.80 23.25 -21.23
N SER D 179 -11.08 22.26 -20.38
CA SER D 179 -10.94 22.41 -18.92
C SER D 179 -10.19 21.19 -18.39
N GLY D 180 -8.88 21.16 -18.62
CA GLY D 180 -8.01 20.22 -17.91
C GLY D 180 -7.91 18.78 -18.37
N LEU D 181 -9.04 18.10 -18.53
CA LEU D 181 -9.09 16.65 -18.57
C LEU D 181 -9.12 16.12 -20.00
N TYR D 182 -8.92 14.81 -20.12
CA TYR D 182 -8.91 14.10 -21.39
C TYR D 182 -10.31 13.59 -21.72
N SER D 183 -10.48 13.15 -22.97
CA SER D 183 -11.74 12.58 -23.44
C SER D 183 -11.50 11.91 -24.78
N LEU D 184 -12.10 10.73 -24.96
CA LEU D 184 -12.03 10.04 -26.24
C LEU D 184 -13.31 9.23 -26.45
N SER D 185 -13.45 8.68 -27.65
CA SER D 185 -14.56 7.81 -28.00
C SER D 185 -14.03 6.59 -28.73
N SER D 186 -14.63 5.43 -28.46
CA SER D 186 -14.37 4.20 -29.19
C SER D 186 -15.64 3.79 -29.91
N VAL D 187 -15.51 3.48 -31.20
CA VAL D 187 -16.66 3.10 -32.01
C VAL D 187 -16.36 1.79 -32.73
N VAL D 188 -17.43 1.17 -33.23
CA VAL D 188 -17.32 -0.09 -33.98
C VAL D 188 -18.48 -0.15 -34.97
N THR D 189 -18.20 -0.63 -36.17
CA THR D 189 -19.21 -0.78 -37.21
C THR D 189 -19.74 -2.21 -37.23
N VAL D 190 -21.07 -2.34 -37.30
CA VAL D 190 -21.75 -3.63 -37.31
C VAL D 190 -22.87 -3.60 -38.33
N PRO D 191 -23.28 -4.76 -38.82
CA PRO D 191 -24.45 -4.80 -39.73
C PRO D 191 -25.73 -4.47 -38.97
N SER D 192 -26.62 -3.73 -39.63
CA SER D 192 -27.85 -3.25 -39.00
C SER D 192 -28.78 -4.38 -38.60
N SER D 193 -28.58 -5.59 -39.12
CA SER D 193 -29.45 -6.71 -38.78
C SER D 193 -29.23 -7.15 -37.33
N SER D 194 -27.99 -7.20 -36.88
CA SER D 194 -27.63 -7.69 -35.56
C SER D 194 -27.88 -6.66 -34.45
N LEU D 195 -28.76 -5.68 -34.67
CA LEU D 195 -28.96 -4.62 -33.68
C LEU D 195 -29.78 -5.11 -32.49
N GLY D 196 -31.00 -5.59 -32.76
CA GLY D 196 -31.92 -5.95 -31.70
C GLY D 196 -31.64 -7.27 -31.02
N THR D 197 -30.71 -8.07 -31.54
CA THR D 197 -30.51 -9.43 -31.06
C THR D 197 -29.12 -9.71 -30.50
N GLN D 198 -28.10 -8.95 -30.90
CA GLN D 198 -26.74 -9.17 -30.43
C GLN D 198 -26.38 -8.12 -29.39
N THR D 199 -25.63 -8.55 -28.37
CA THR D 199 -25.28 -7.70 -27.25
C THR D 199 -23.89 -7.10 -27.47
N TYR D 200 -23.76 -5.80 -27.20
CA TYR D 200 -22.51 -5.07 -27.35
C TYR D 200 -22.18 -4.40 -26.02
N ILE D 201 -21.04 -4.75 -25.44
CA ILE D 201 -20.58 -4.17 -24.17
C ILE D 201 -19.14 -3.72 -24.35
N CYS D 202 -18.88 -2.44 -24.08
CA CYS D 202 -17.52 -1.92 -24.11
C CYS D 202 -16.93 -1.98 -22.70
N ASN D 203 -15.67 -2.39 -22.63
CA ASN D 203 -14.98 -2.61 -21.36
C ASN D 203 -13.87 -1.57 -21.25
N VAL D 204 -14.11 -0.54 -20.44
CA VAL D 204 -13.16 0.56 -20.25
C VAL D 204 -12.37 0.29 -18.98
N ASN D 205 -11.05 0.56 -19.04
CA ASN D 205 -10.17 0.35 -17.92
C ASN D 205 -9.24 1.55 -17.78
N HIS D 206 -9.15 2.09 -16.57
CA HIS D 206 -8.29 3.24 -16.26
C HIS D 206 -7.42 2.84 -15.06
N LYS D 207 -6.26 2.25 -15.35
CA LYS D 207 -5.38 1.77 -14.29
C LYS D 207 -4.92 2.84 -13.31
N PRO D 208 -4.63 4.09 -13.73
CA PRO D 208 -4.21 5.10 -12.73
C PRO D 208 -5.19 5.30 -11.58
N SER D 209 -6.49 5.33 -11.86
CA SER D 209 -7.49 5.50 -10.81
C SER D 209 -8.07 4.16 -10.34
N ASN D 210 -7.51 3.04 -10.80
CA ASN D 210 -8.02 1.71 -10.51
C ASN D 210 -9.54 1.64 -10.70
N THR D 211 -9.94 1.84 -11.96
CA THR D 211 -11.35 1.89 -12.34
C THR D 211 -11.57 1.05 -13.58
N LYS D 212 -12.47 0.05 -13.46
CA LYS D 212 -12.93 -0.74 -14.59
C LYS D 212 -14.44 -0.57 -14.70
N VAL D 213 -14.92 -0.31 -15.92
CA VAL D 213 -16.35 -0.11 -16.15
C VAL D 213 -16.73 -0.82 -17.44
N ASP D 214 -17.72 -1.71 -17.36
CA ASP D 214 -18.37 -2.28 -18.54
C ASP D 214 -19.70 -1.58 -18.75
N LYS D 215 -20.08 -1.44 -20.03
CA LYS D 215 -21.27 -0.66 -20.36
C LYS D 215 -21.96 -1.29 -21.56
N LYS D 216 -23.16 -1.83 -21.33
CA LYS D 216 -23.98 -2.32 -22.43
C LYS D 216 -24.43 -1.15 -23.31
N VAL D 217 -24.37 -1.34 -24.62
CA VAL D 217 -24.81 -0.34 -25.58
C VAL D 217 -26.04 -0.88 -26.30
N GLU D 218 -27.17 -0.22 -26.11
CA GLU D 218 -28.44 -0.62 -26.70
C GLU D 218 -28.94 0.46 -27.66
N PRO D 219 -29.75 0.09 -28.65
CA PRO D 219 -30.34 1.08 -29.56
C PRO D 219 -31.13 2.15 -28.80
N LYS D 220 -31.21 3.34 -29.41
CA LYS D 220 -31.84 4.47 -28.76
C LYS D 220 -33.32 4.22 -28.49
N SER D 221 -33.74 4.49 -27.26
CA SER D 221 -35.13 4.36 -26.81
C SER D 221 -35.74 5.75 -26.71
N CYS D 222 -36.55 6.10 -27.70
CA CYS D 222 -37.15 7.43 -27.76
C CYS D 222 -38.23 7.60 -26.70
N ASP D 223 -38.20 8.75 -26.02
CA ASP D 223 -39.17 9.07 -24.97
C ASP D 223 -39.82 10.43 -25.22
#